data_8K4T
#
_entry.id   8K4T
#
_cell.length_a   48.708
_cell.length_b   63.579
_cell.length_c   75.507
_cell.angle_alpha   105.864
_cell.angle_beta   92.656
_cell.angle_gamma   97.701
#
_symmetry.space_group_name_H-M   'P 1'
#
loop_
_entity.id
_entity.type
_entity.pdbx_description
1 polymer 'HLA class I histocompatibility antigen, A alpha chain'
2 polymer Beta-2-microglobulin
3 polymer 'KRAS G12C peptide (VVVGACGVGK)'
#
loop_
_entity_poly.entity_id
_entity_poly.type
_entity_poly.pdbx_seq_one_letter_code
_entity_poly.pdbx_strand_id
1 'polypeptide(L)'
;MGSHSMRYFYTSVSRPGRGEPRFIAVGYVDDTQFVRFDSDAASQRMEPRAPWIEQEGPEYWDQETRNVKAQSQTDRVDLG
TLRGYYNQSEDGSHTIQIMYGCDVGPDGRFLRGYRQDAYDGKDYIALNEDLRSWTAADMAAQITKRKWEAAHAAEQQRAY
LEGRCVEWLRRYLENGKETLQRTDPPKTHMTHHPISDHEATLRCWALGFYPAEITLTWQRDGEDQTQDTELVETRPAGDG
TFQKWAAVVVPSGEEQRYTCHVQHEGLPKPLTLRWE
;
A,D
2 'polypeptide(L)'
;MIQRTPKIQVYSRHPAENGKSNFLNCYVSGFHPSDIEVDLLKNGERIEKVEHSDLSFSKDWSFYLLYYTEFTPTEKDEYA
CRVNHVTLSQPKIVKWDRDMGSGGSGAGLNDIFEAQKIEWHE
;
B,E
3 'polypeptide(L)' VVVGACGVGK C,F
#
# COMPACT_ATOMS: atom_id res chain seq x y z
N GLY A 2 10.24 -12.90 2.54
CA GLY A 2 9.40 -11.83 2.04
C GLY A 2 9.86 -10.45 2.49
N SER A 3 8.94 -9.50 2.52
CA SER A 3 9.25 -8.15 2.95
C SER A 3 9.21 -8.04 4.47
N HIS A 4 9.93 -7.05 4.99
CA HIS A 4 10.10 -6.92 6.43
C HIS A 4 10.00 -5.46 6.84
N SER A 5 9.81 -5.24 8.15
CA SER A 5 9.61 -3.92 8.70
C SER A 5 10.38 -3.78 10.00
N MET A 6 10.77 -2.54 10.30
CA MET A 6 11.26 -2.16 11.61
C MET A 6 10.49 -0.95 12.08
N ARG A 7 9.97 -1.00 13.31
CA ARG A 7 9.15 0.06 13.86
C ARG A 7 9.63 0.41 15.26
N TYR A 8 9.51 1.70 15.60
CA TYR A 8 9.80 2.19 16.94
C TYR A 8 8.61 2.98 17.42
N PHE A 9 8.14 2.65 18.63
CA PHE A 9 6.98 3.29 19.22
C PHE A 9 7.41 3.97 20.51
N TYR A 10 7.23 5.29 20.57
CA TYR A 10 7.52 6.07 21.75
C TYR A 10 6.21 6.54 22.38
N THR A 11 6.15 6.52 23.70
CA THR A 11 5.00 7.00 24.45
C THR A 11 5.50 7.76 25.67
N SER A 12 5.13 9.04 25.77
CA SER A 12 5.48 9.87 26.92
C SER A 12 4.20 10.40 27.54
N VAL A 13 3.98 10.07 28.80
CA VAL A 13 2.75 10.41 29.52
C VAL A 13 3.11 11.36 30.65
N SER A 14 2.57 12.58 30.60
CA SER A 14 2.81 13.54 31.65
C SER A 14 1.96 13.22 32.88
N ARG A 15 2.59 13.14 34.04
CA ARG A 15 1.92 12.83 35.30
C ARG A 15 2.17 13.98 36.27
N PRO A 16 1.31 15.01 36.26
CA PRO A 16 1.52 16.15 37.15
C PRO A 16 1.35 15.76 38.61
N GLY A 17 2.28 16.24 39.44
CA GLY A 17 2.27 15.93 40.86
C GLY A 17 2.84 14.58 41.23
N ARG A 18 3.33 13.80 40.25
CA ARG A 18 3.89 12.48 40.51
C ARG A 18 5.21 12.30 39.79
N GLY A 19 6.00 13.37 39.68
CA GLY A 19 7.28 13.32 39.02
C GLY A 19 7.21 13.79 37.58
N GLU A 20 8.24 13.42 36.83
CA GLU A 20 8.38 13.79 35.43
C GLU A 20 7.72 12.75 34.54
N PRO A 21 7.42 13.12 33.28
CA PRO A 21 6.62 12.21 32.43
C PRO A 21 7.25 10.84 32.26
N ARG A 22 6.38 9.83 32.18
CA ARG A 22 6.79 8.45 31.95
C ARG A 22 7.05 8.24 30.47
N PHE A 23 8.24 7.71 30.14
CA PHE A 23 8.64 7.49 28.77
C PHE A 23 8.89 6.00 28.54
N ILE A 24 8.23 5.45 27.52
CA ILE A 24 8.36 4.04 27.16
C ILE A 24 8.65 3.94 25.67
N ALA A 25 9.72 3.24 25.32
CA ALA A 25 10.11 3.04 23.94
C ALA A 25 10.24 1.55 23.66
N VAL A 26 9.68 1.09 22.55
CA VAL A 26 9.77 -0.30 22.14
C VAL A 26 10.21 -0.36 20.68
N GLY A 27 11.05 -1.33 20.36
CA GLY A 27 11.53 -1.55 19.00
C GLY A 27 11.01 -2.88 18.49
N TYR A 28 10.55 -2.88 17.25
CA TYR A 28 9.98 -4.06 16.62
C TYR A 28 10.68 -4.35 15.30
N VAL A 29 10.91 -5.63 15.03
CA VAL A 29 11.19 -6.13 13.70
C VAL A 29 10.02 -7.03 13.33
N ASP A 30 9.24 -6.61 12.31
CA ASP A 30 8.00 -7.27 11.97
C ASP A 30 7.08 -7.36 13.17
N ASP A 31 6.82 -8.57 13.66
CA ASP A 31 5.96 -8.78 14.82
C ASP A 31 6.76 -9.25 16.04
N THR A 32 8.03 -8.85 16.12
CA THR A 32 8.91 -9.29 17.20
C THR A 32 9.56 -8.07 17.84
N GLN A 33 9.27 -7.84 19.11
CA GLN A 33 9.98 -6.82 19.87
C GLN A 33 11.39 -7.28 20.16
N PHE A 34 12.35 -6.35 20.09
CA PHE A 34 13.75 -6.69 20.37
C PHE A 34 14.46 -5.74 21.31
N VAL A 35 14.01 -4.49 21.46
CA VAL A 35 14.56 -3.58 22.44
C VAL A 35 13.42 -2.88 23.18
N ARG A 36 13.76 -2.29 24.32
CA ARG A 36 12.78 -1.56 25.12
C ARG A 36 13.50 -0.60 26.04
N PHE A 37 12.85 0.52 26.34
CA PHE A 37 13.34 1.49 27.30
C PHE A 37 12.17 1.96 28.16
N ASP A 38 12.22 1.67 29.45
CA ASP A 38 11.24 2.14 30.42
C ASP A 38 11.95 3.04 31.40
N SER A 39 11.66 4.35 31.33
CA SER A 39 12.32 5.30 32.23
C SER A 39 11.95 5.06 33.68
N ASP A 40 10.90 4.29 33.95
CA ASP A 40 10.58 3.89 35.31
C ASP A 40 11.30 2.60 35.72
N ALA A 41 12.03 1.97 34.81
CA ALA A 41 12.87 0.84 35.16
C ALA A 41 14.19 1.32 35.76
N ALA A 42 14.87 0.42 36.46
CA ALA A 42 16.04 0.82 37.25
C ALA A 42 17.31 0.94 36.42
N SER A 43 17.34 0.40 35.20
CA SER A 43 18.59 0.38 34.45
C SER A 43 18.88 1.72 33.78
N GLN A 44 17.85 2.43 33.33
CA GLN A 44 17.99 3.65 32.54
C GLN A 44 18.83 3.40 31.28
N ARG A 45 18.71 2.19 30.72
CA ARG A 45 19.46 1.80 29.54
C ARG A 45 18.54 1.02 28.61
N MET A 46 18.83 1.09 27.32
CA MET A 46 18.12 0.25 26.37
C MET A 46 18.42 -1.22 26.66
N GLU A 47 17.36 -2.02 26.82
CA GLU A 47 17.53 -3.40 27.20
C GLU A 47 17.11 -4.33 26.07
N PRO A 48 17.81 -5.45 25.90
CA PRO A 48 17.40 -6.40 24.86
C PRO A 48 16.11 -7.12 25.24
N ARG A 49 15.35 -7.50 24.20
CA ARG A 49 14.13 -8.26 24.38
C ARG A 49 14.08 -9.52 23.51
N ALA A 50 15.13 -9.80 22.76
CA ALA A 50 15.23 -10.98 21.90
C ALA A 50 16.64 -11.52 21.99
N PRO A 51 16.83 -12.83 21.76
CA PRO A 51 18.18 -13.40 21.91
C PRO A 51 19.20 -12.82 20.94
N TRP A 52 18.82 -12.61 19.67
CA TRP A 52 19.81 -12.28 18.66
C TRP A 52 20.42 -10.90 18.84
N ILE A 53 19.68 -9.95 19.43
CA ILE A 53 20.23 -8.62 19.65
C ILE A 53 21.17 -8.56 20.85
N GLU A 54 21.18 -9.60 21.69
CA GLU A 54 22.09 -9.61 22.83
C GLU A 54 23.56 -9.59 22.42
N GLN A 55 23.87 -10.01 21.19
CA GLN A 55 25.26 -10.07 20.74
C GLN A 55 25.84 -8.70 20.42
N GLU A 56 25.02 -7.66 20.34
CA GLU A 56 25.54 -6.32 20.05
C GLU A 56 26.43 -5.85 21.19
N GLY A 57 27.47 -5.10 20.82
CA GLY A 57 28.49 -4.69 21.78
C GLY A 57 28.04 -3.52 22.61
N PRO A 58 28.85 -3.20 23.63
CA PRO A 58 28.49 -2.10 24.55
C PRO A 58 28.43 -0.75 23.87
N GLU A 59 29.13 -0.54 22.76
CA GLU A 59 28.99 0.72 22.03
C GLU A 59 27.61 0.85 21.40
N TYR A 60 27.00 -0.27 21.02
CA TYR A 60 25.63 -0.25 20.51
C TYR A 60 24.66 0.15 21.61
N TRP A 61 24.73 -0.51 22.76
CA TRP A 61 23.77 -0.24 23.83
C TRP A 61 23.97 1.14 24.44
N ASP A 62 25.19 1.68 24.37
CA ASP A 62 25.41 3.03 24.88
C ASP A 62 24.81 4.08 23.97
N GLN A 63 24.97 3.91 22.65
CA GLN A 63 24.41 4.89 21.71
C GLN A 63 22.89 4.81 21.69
N GLU A 64 22.33 3.60 21.69
CA GLU A 64 20.88 3.45 21.70
C GLU A 64 20.28 4.04 22.97
N THR A 65 20.92 3.82 24.12
CA THR A 65 20.48 4.45 25.36
C THR A 65 20.55 5.96 25.26
N ARG A 66 21.66 6.49 24.73
CA ARG A 66 21.83 7.93 24.65
C ARG A 66 20.77 8.57 23.75
N ASN A 67 20.49 7.96 22.60
CA ASN A 67 19.65 8.61 21.61
C ASN A 67 18.19 8.67 22.07
N VAL A 68 17.65 7.59 22.63
CA VAL A 68 16.22 7.56 22.92
C VAL A 68 15.91 8.25 24.24
N LYS A 69 16.83 8.20 25.22
CA LYS A 69 16.64 9.01 26.42
C LYS A 69 16.70 10.49 26.08
N ALA A 70 17.55 10.86 25.13
CA ALA A 70 17.55 12.24 24.63
C ALA A 70 16.24 12.57 23.93
N GLN A 71 15.60 11.59 23.30
CA GLN A 71 14.27 11.80 22.74
C GLN A 71 13.24 12.02 23.84
N SER A 72 13.37 11.28 24.95
CA SER A 72 12.46 11.46 26.08
C SER A 72 12.60 12.85 26.67
N GLN A 73 13.82 13.39 26.70
CA GLN A 73 14.00 14.75 27.18
C GLN A 73 13.32 15.77 26.26
N THR A 74 13.38 15.53 24.96
CA THR A 74 12.68 16.41 24.03
C THR A 74 11.16 16.27 24.16
N ASP A 75 10.69 15.06 24.45
CA ASP A 75 9.26 14.85 24.65
C ASP A 75 8.75 15.63 25.85
N ARG A 76 9.57 15.76 26.90
CA ARG A 76 9.17 16.53 28.07
C ARG A 76 8.87 17.99 27.69
N VAL A 77 9.77 18.61 26.92
CA VAL A 77 9.56 19.98 26.50
C VAL A 77 8.36 20.08 25.57
N ASP A 78 8.23 19.15 24.63
CA ASP A 78 7.08 19.17 23.71
C ASP A 78 5.77 19.01 24.47
N LEU A 79 5.77 18.22 25.54
CA LEU A 79 4.56 18.06 26.34
C LEU A 79 4.09 19.39 26.89
N GLY A 80 5.02 20.21 27.41
CA GLY A 80 4.66 21.54 27.85
C GLY A 80 4.32 22.47 26.71
N THR A 81 4.97 22.30 25.56
CA THR A 81 4.69 23.16 24.41
C THR A 81 3.29 22.89 23.86
N LEU A 82 2.97 21.62 23.60
CA LEU A 82 1.65 21.29 23.06
C LEU A 82 0.53 21.70 24.01
N ARG A 83 0.73 21.46 25.30
CA ARG A 83 -0.26 21.88 26.30
C ARG A 83 -0.48 23.39 26.23
N GLY A 84 0.56 24.16 25.95
CA GLY A 84 0.38 25.58 25.72
C GLY A 84 -0.33 25.88 24.42
N TYR A 85 -0.05 25.08 23.39
CA TYR A 85 -0.72 25.27 22.10
C TYR A 85 -2.24 25.18 22.24
N TYR A 86 -2.71 24.30 23.13
CA TYR A 86 -4.13 24.13 23.38
C TYR A 86 -4.58 24.80 24.66
N ASN A 87 -3.70 25.56 25.32
CA ASN A 87 -4.02 26.29 26.55
C ASN A 87 -4.64 25.35 27.59
N GLN A 88 -3.93 24.27 27.88
CA GLN A 88 -4.46 23.23 28.75
C GLN A 88 -3.82 23.32 30.14
N SER A 89 -4.57 22.84 31.14
CA SER A 89 -4.16 22.97 32.53
C SER A 89 -2.89 22.17 32.80
N GLU A 90 -2.18 22.57 33.85
CA GLU A 90 -0.92 21.93 34.22
C GLU A 90 -1.12 20.67 35.07
N ASP A 91 -2.37 20.33 35.41
CA ASP A 91 -2.63 19.14 36.21
C ASP A 91 -3.34 18.03 35.44
N GLY A 92 -3.72 18.27 34.19
CA GLY A 92 -4.27 17.21 33.37
C GLY A 92 -3.19 16.36 32.76
N SER A 93 -3.50 15.09 32.55
CA SER A 93 -2.57 14.15 31.95
C SER A 93 -2.68 14.21 30.43
N HIS A 94 -1.53 14.12 29.76
CA HIS A 94 -1.48 14.16 28.30
C HIS A 94 -0.38 13.23 27.81
N THR A 95 -0.57 12.72 26.60
CA THR A 95 0.28 11.68 26.03
C THR A 95 0.78 12.13 24.67
N ILE A 96 2.07 11.96 24.43
CA ILE A 96 2.67 12.10 23.10
C ILE A 96 3.12 10.73 22.64
N GLN A 97 2.68 10.33 21.45
CA GLN A 97 3.05 9.06 20.85
C GLN A 97 3.78 9.32 19.54
N ILE A 98 4.86 8.58 19.30
CA ILE A 98 5.66 8.71 18.10
C ILE A 98 5.85 7.33 17.49
N MET A 99 5.60 7.22 16.19
CA MET A 99 5.84 6.00 15.43
C MET A 99 6.69 6.35 14.22
N TYR A 100 7.68 5.51 13.95
CA TYR A 100 8.51 5.69 12.76
C TYR A 100 9.21 4.37 12.45
N GLY A 101 9.62 4.23 11.20
CA GLY A 101 10.30 3.04 10.77
C GLY A 101 10.39 2.96 9.27
N CYS A 102 10.95 1.86 8.80
CA CYS A 102 11.20 1.65 7.38
C CYS A 102 10.74 0.26 6.98
N ASP A 103 10.39 0.12 5.69
CA ASP A 103 10.03 -1.16 5.10
C ASP A 103 11.04 -1.52 4.03
N VAL A 104 11.34 -2.82 3.90
CA VAL A 104 12.27 -3.30 2.90
C VAL A 104 11.65 -4.48 2.16
N GLY A 105 12.14 -4.72 0.95
CA GLY A 105 11.70 -5.84 0.16
C GLY A 105 12.55 -7.07 0.39
N PRO A 106 12.21 -8.18 -0.26
CA PRO A 106 13.03 -9.39 -0.14
C PRO A 106 14.48 -9.18 -0.52
N ASP A 107 14.77 -8.32 -1.49
CA ASP A 107 16.15 -7.99 -1.81
C ASP A 107 16.80 -7.12 -0.74
N GLY A 108 15.99 -6.49 0.12
CA GLY A 108 16.50 -5.87 1.32
C GLY A 108 16.91 -4.42 1.22
N ARG A 109 16.18 -3.61 0.46
CA ARG A 109 16.46 -2.18 0.42
C ARG A 109 15.15 -1.41 0.37
N PHE A 110 15.27 -0.08 0.33
CA PHE A 110 14.20 0.81 0.75
C PHE A 110 12.92 0.62 -0.05
N LEU A 111 11.82 0.43 0.67
CA LEU A 111 10.47 0.45 0.11
C LEU A 111 9.72 1.71 0.54
N ARG A 112 9.48 1.86 1.84
CA ARG A 112 8.77 3.01 2.38
C ARG A 112 9.42 3.47 3.67
N GLY A 113 9.09 4.68 4.08
CA GLY A 113 9.52 5.21 5.36
C GLY A 113 8.37 5.90 6.06
N TYR A 114 8.42 5.87 7.40
CA TYR A 114 7.33 6.38 8.22
C TYR A 114 7.86 7.27 9.33
N ARG A 115 7.04 8.26 9.68
CA ARG A 115 7.24 9.09 10.86
C ARG A 115 5.95 9.84 11.18
N GLN A 116 5.28 9.45 12.27
CA GLN A 116 3.99 10.03 12.63
C GLN A 116 3.97 10.31 14.12
N ASP A 117 3.43 11.49 14.48
CA ASP A 117 3.36 11.93 15.86
C ASP A 117 1.91 12.21 16.24
N ALA A 118 1.54 11.86 17.47
CA ALA A 118 0.18 12.04 17.96
C ALA A 118 0.20 12.74 19.30
N TYR A 119 -0.94 13.36 19.63
CA TYR A 119 -1.15 14.01 20.91
C TYR A 119 -2.53 13.63 21.42
N ASP A 120 -2.58 13.02 22.61
CA ASP A 120 -3.83 12.59 23.22
C ASP A 120 -4.59 11.60 22.33
N GLY A 121 -3.85 10.72 21.66
CA GLY A 121 -4.44 9.65 20.89
C GLY A 121 -4.94 10.01 19.50
N LYS A 122 -4.73 11.24 19.05
CA LYS A 122 -5.20 11.67 17.74
C LYS A 122 -4.02 12.24 16.95
N ASP A 123 -4.16 12.19 15.63
CA ASP A 123 -3.10 12.65 14.73
C ASP A 123 -2.69 14.08 15.06
N TYR A 124 -1.37 14.30 15.13
CA TYR A 124 -0.81 15.63 15.31
C TYR A 124 -0.10 16.06 14.03
N ILE A 125 1.05 15.46 13.71
CA ILE A 125 1.75 15.73 12.47
C ILE A 125 2.38 14.44 11.98
N ALA A 126 2.46 14.29 10.66
CA ALA A 126 2.98 13.09 10.05
C ALA A 126 3.87 13.46 8.87
N LEU A 127 4.89 12.63 8.64
CA LEU A 127 5.74 12.77 7.47
C LEU A 127 5.09 12.06 6.29
N ASN A 128 4.87 12.80 5.19
CA ASN A 128 4.25 12.22 4.02
C ASN A 128 5.17 11.17 3.39
N GLU A 129 4.61 10.45 2.42
CA GLU A 129 5.34 9.33 1.83
C GLU A 129 6.52 9.78 0.98
N ASP A 130 6.45 11.00 0.44
CA ASP A 130 7.60 11.53 -0.30
C ASP A 130 8.78 11.85 0.60
N LEU A 131 8.60 11.78 1.93
CA LEU A 131 9.66 12.04 2.89
C LEU A 131 10.25 13.43 2.74
N ARG A 132 9.45 14.36 2.22
CA ARG A 132 9.88 15.75 2.03
C ARG A 132 8.86 16.78 2.49
N SER A 133 7.60 16.41 2.72
CA SER A 133 6.56 17.33 3.15
C SER A 133 5.93 16.83 4.45
N TRP A 134 5.13 17.69 5.07
CA TRP A 134 4.47 17.37 6.33
C TRP A 134 2.97 17.60 6.20
N THR A 135 2.20 16.77 6.90
CA THR A 135 0.75 16.89 6.95
C THR A 135 0.32 17.11 8.39
N ALA A 136 -0.29 18.26 8.66
CA ALA A 136 -0.73 18.63 10.00
C ALA A 136 -2.23 18.47 10.12
N ALA A 137 -2.68 18.10 11.33
CA ALA A 137 -4.09 17.82 11.58
C ALA A 137 -4.87 19.07 11.97
N ASP A 138 -4.33 19.89 12.86
CA ASP A 138 -4.98 21.12 13.28
C ASP A 138 -3.99 22.28 13.15
N MET A 139 -4.44 23.47 13.56
CA MET A 139 -3.60 24.65 13.44
C MET A 139 -2.44 24.64 14.43
N ALA A 140 -2.65 24.04 15.60
CA ALA A 140 -1.55 23.92 16.57
C ALA A 140 -0.41 23.07 16.02
N ALA A 141 -0.73 22.06 15.22
CA ALA A 141 0.30 21.24 14.60
C ALA A 141 0.95 21.92 13.40
N GLN A 142 0.29 22.92 12.82
CA GLN A 142 0.95 23.69 11.76
C GLN A 142 2.05 24.57 12.32
N ILE A 143 1.88 25.06 13.56
CA ILE A 143 2.97 25.76 14.23
C ILE A 143 4.22 24.89 14.27
N THR A 144 4.04 23.61 14.61
CA THR A 144 5.15 22.67 14.56
C THR A 144 5.60 22.43 13.12
N LYS A 145 4.68 22.49 12.16
CA LYS A 145 5.01 22.17 10.78
C LYS A 145 6.05 23.13 10.22
N ARG A 146 5.78 24.44 10.29
CA ARG A 146 6.76 25.41 9.80
C ARG A 146 7.99 25.47 10.69
N LYS A 147 7.88 25.05 11.95
CA LYS A 147 9.08 24.89 12.78
C LYS A 147 9.97 23.80 12.20
N TRP A 148 9.39 22.65 11.88
CA TRP A 148 10.16 21.57 11.27
C TRP A 148 10.51 21.86 9.82
N GLU A 149 9.73 22.71 9.14
CA GLU A 149 10.11 23.15 7.80
C GLU A 149 11.31 24.09 7.84
N ALA A 150 11.31 25.02 8.80
CA ALA A 150 12.44 25.95 8.92
C ALA A 150 13.70 25.24 9.38
N ALA A 151 13.57 24.23 10.25
CA ALA A 151 14.71 23.46 10.73
C ALA A 151 15.09 22.32 9.80
N HIS A 152 14.28 22.06 8.77
CA HIS A 152 14.54 20.98 7.81
C HIS A 152 14.68 19.63 8.50
N ALA A 153 13.67 19.30 9.32
CA ALA A 153 13.65 17.99 9.96
C ALA A 153 13.42 16.88 8.95
N ALA A 154 12.65 17.16 7.89
CA ALA A 154 12.34 16.14 6.90
C ALA A 154 13.59 15.57 6.26
N GLU A 155 14.58 16.42 5.96
CA GLU A 155 15.80 15.95 5.31
C GLU A 155 16.54 14.94 6.18
N GLN A 156 16.62 15.18 7.48
CA GLN A 156 17.34 14.28 8.36
C GLN A 156 16.50 13.10 8.83
N GLN A 157 15.18 13.24 8.85
CA GLN A 157 14.33 12.06 9.01
C GLN A 157 14.44 11.15 7.80
N ARG A 158 14.37 11.74 6.59
CA ARG A 158 14.52 10.96 5.36
C ARG A 158 15.89 10.29 5.30
N ALA A 159 16.92 10.97 5.78
CA ALA A 159 18.27 10.40 5.76
C ALA A 159 18.34 9.13 6.60
N TYR A 160 17.68 9.15 7.77
CA TYR A 160 17.68 7.96 8.61
C TYR A 160 16.78 6.87 8.04
N LEU A 161 15.61 7.26 7.51
CA LEU A 161 14.66 6.27 7.02
C LEU A 161 15.22 5.51 5.82
N GLU A 162 15.96 6.20 4.96
CA GLU A 162 16.54 5.57 3.78
C GLU A 162 17.93 4.99 4.04
N GLY A 163 18.52 5.26 5.20
CA GLY A 163 19.88 4.83 5.46
C GLY A 163 20.04 3.90 6.64
N ARG A 164 20.26 4.49 7.83
CA ARG A 164 20.57 3.69 9.01
C ARG A 164 19.44 2.75 9.39
N CYS A 165 18.19 3.16 9.15
CA CYS A 165 17.05 2.28 9.42
C CYS A 165 17.14 1.00 8.58
N VAL A 166 17.27 1.16 7.26
CA VAL A 166 17.27 0.02 6.36
C VAL A 166 18.51 -0.84 6.58
N GLU A 167 19.66 -0.20 6.76
CA GLU A 167 20.91 -0.96 6.90
C GLU A 167 20.89 -1.86 8.12
N TRP A 168 20.42 -1.35 9.26
CA TRP A 168 20.39 -2.15 10.48
C TRP A 168 19.23 -3.13 10.47
N LEU A 169 18.14 -2.82 9.74
CA LEU A 169 17.10 -3.81 9.53
C LEU A 169 17.65 -5.03 8.79
N ARG A 170 18.55 -4.79 7.84
CA ARG A 170 19.21 -5.90 7.15
C ARG A 170 20.04 -6.74 8.11
N ARG A 171 20.79 -6.09 9.00
CA ARG A 171 21.63 -6.82 9.94
C ARG A 171 20.78 -7.63 10.92
N TYR A 172 19.71 -7.02 11.43
CA TYR A 172 18.82 -7.74 12.35
C TYR A 172 18.19 -8.95 11.67
N LEU A 173 17.78 -8.79 10.41
CA LEU A 173 17.11 -9.87 9.71
C LEU A 173 18.01 -11.08 9.51
N GLU A 174 19.31 -10.85 9.31
CA GLU A 174 20.25 -11.95 9.15
C GLU A 174 20.75 -12.49 10.48
N ASN A 175 21.07 -11.60 11.43
CA ASN A 175 21.56 -12.03 12.73
C ASN A 175 20.51 -12.80 13.54
N GLY A 176 19.24 -12.58 13.26
CA GLY A 176 18.18 -13.28 13.98
C GLY A 176 17.24 -14.02 13.06
N LYS A 177 17.76 -14.50 11.92
CA LYS A 177 16.92 -15.17 10.93
C LYS A 177 16.32 -16.46 11.46
N GLU A 178 16.93 -17.08 12.46
CA GLU A 178 16.34 -18.28 13.07
C GLU A 178 15.03 -17.96 13.78
N THR A 179 14.78 -16.70 14.10
CA THR A 179 13.55 -16.26 14.72
C THR A 179 12.74 -15.34 13.82
N LEU A 180 13.37 -14.30 13.26
CA LEU A 180 12.63 -13.27 12.54
C LEU A 180 12.12 -13.80 11.20
N GLN A 181 12.98 -14.45 10.43
CA GLN A 181 12.62 -14.90 9.09
C GLN A 181 11.95 -16.26 9.06
N ARG A 182 11.83 -16.93 10.20
CA ARG A 182 11.11 -18.19 10.26
C ARG A 182 9.60 -17.94 10.11
N THR A 183 8.92 -18.87 9.46
CA THR A 183 7.49 -18.79 9.22
C THR A 183 6.83 -20.04 9.80
N ASP A 184 6.34 -19.93 11.03
CA ASP A 184 5.65 -21.04 11.68
C ASP A 184 4.22 -21.11 11.18
N PRO A 185 3.84 -22.16 10.44
CA PRO A 185 2.48 -22.25 9.94
C PRO A 185 1.49 -22.44 11.09
N PRO A 186 0.24 -22.01 10.91
CA PRO A 186 -0.73 -22.14 12.00
C PRO A 186 -1.15 -23.59 12.20
N LYS A 187 -1.04 -24.06 13.44
CA LYS A 187 -1.61 -25.35 13.82
C LYS A 187 -3.10 -25.16 14.05
N THR A 188 -3.91 -25.73 13.17
CA THR A 188 -5.34 -25.45 13.12
C THR A 188 -6.16 -26.66 13.55
N HIS A 189 -7.40 -26.38 13.94
CA HIS A 189 -8.41 -27.40 14.24
C HIS A 189 -9.75 -26.69 14.37
N MET A 190 -10.81 -27.49 14.44
CA MET A 190 -12.17 -26.97 14.51
C MET A 190 -12.89 -27.56 15.72
N THR A 191 -13.71 -26.74 16.37
CA THR A 191 -14.52 -27.18 17.50
C THR A 191 -15.99 -26.94 17.20
N HIS A 192 -16.85 -27.75 17.81
CA HIS A 192 -18.29 -27.69 17.61
C HIS A 192 -18.97 -27.52 18.96
N HIS A 193 -19.81 -26.50 19.07
CA HIS A 193 -20.55 -26.21 20.30
C HIS A 193 -22.02 -26.05 19.95
N PRO A 194 -22.89 -26.99 20.34
CA PRO A 194 -24.32 -26.82 20.08
C PRO A 194 -24.91 -25.65 20.85
N ILE A 195 -25.60 -24.77 20.14
CA ILE A 195 -26.29 -23.64 20.76
C ILE A 195 -27.69 -24.01 21.20
N SER A 196 -28.46 -24.62 20.29
CA SER A 196 -29.81 -25.10 20.59
C SER A 196 -29.99 -26.48 19.98
N ASP A 197 -31.20 -26.76 19.50
CA ASP A 197 -31.44 -27.93 18.66
C ASP A 197 -31.81 -27.54 17.24
N HIS A 198 -31.65 -26.26 16.89
CA HIS A 198 -31.77 -25.78 15.52
C HIS A 198 -30.60 -24.93 15.09
N GLU A 199 -29.67 -24.60 15.98
CA GLU A 199 -28.48 -23.81 15.67
C GLU A 199 -27.28 -24.40 16.37
N ALA A 200 -26.10 -24.17 15.80
CA ALA A 200 -24.86 -24.65 16.38
C ALA A 200 -23.71 -23.76 15.94
N THR A 201 -22.71 -23.63 16.82
CA THR A 201 -21.53 -22.81 16.56
C THR A 201 -20.35 -23.69 16.20
N LEU A 202 -19.70 -23.37 15.09
CA LEU A 202 -18.43 -23.98 14.72
C LEU A 202 -17.33 -22.93 14.82
N ARG A 203 -16.25 -23.27 15.53
CA ARG A 203 -15.14 -22.36 15.74
C ARG A 203 -13.91 -22.89 15.00
N CYS A 204 -13.26 -22.02 14.24
CA CYS A 204 -12.07 -22.37 13.47
C CYS A 204 -10.85 -21.78 14.16
N TRP A 205 -10.02 -22.65 14.72
CA TRP A 205 -8.86 -22.22 15.50
C TRP A 205 -7.62 -22.15 14.64
N ALA A 206 -6.74 -21.21 14.98
CA ALA A 206 -5.43 -21.07 14.35
C ALA A 206 -4.46 -20.65 15.45
N LEU A 207 -3.50 -21.53 15.77
CA LEU A 207 -2.65 -21.35 16.94
C LEU A 207 -1.18 -21.48 16.55
N GLY A 208 -0.33 -20.77 17.28
CA GLY A 208 1.10 -20.95 17.19
C GLY A 208 1.75 -20.51 15.89
N PHE A 209 1.20 -19.49 15.24
CA PHE A 209 1.75 -19.04 13.97
C PHE A 209 2.53 -17.73 14.13
N TYR A 210 3.48 -17.53 13.21
CA TYR A 210 4.25 -16.30 13.09
C TYR A 210 4.58 -16.17 11.61
N PRO A 211 4.48 -14.97 11.03
CA PRO A 211 4.05 -13.70 11.64
C PRO A 211 2.55 -13.64 11.92
N ALA A 212 2.10 -12.50 12.44
CA ALA A 212 0.72 -12.39 12.90
C ALA A 212 -0.27 -12.32 11.74
N GLU A 213 0.16 -11.84 10.57
CA GLU A 213 -0.72 -11.74 9.42
C GLU A 213 -1.31 -13.11 9.09
N ILE A 214 -2.64 -13.16 8.95
CA ILE A 214 -3.34 -14.40 8.69
C ILE A 214 -4.75 -14.05 8.24
N THR A 215 -5.39 -14.97 7.51
CA THR A 215 -6.74 -14.76 7.00
C THR A 215 -7.56 -16.01 7.26
N LEU A 216 -8.58 -15.89 8.11
CA LEU A 216 -9.52 -16.96 8.39
C LEU A 216 -10.87 -16.57 7.79
N THR A 217 -11.40 -17.41 6.91
CA THR A 217 -12.69 -17.15 6.28
C THR A 217 -13.54 -18.41 6.32
N TRP A 218 -14.86 -18.20 6.35
CA TRP A 218 -15.83 -19.28 6.35
C TRP A 218 -16.51 -19.35 4.99
N GLN A 219 -16.92 -20.56 4.62
CA GLN A 219 -17.67 -20.79 3.39
C GLN A 219 -18.78 -21.79 3.67
N ARG A 220 -19.88 -21.64 2.94
CA ARG A 220 -21.00 -22.57 2.99
C ARG A 220 -21.30 -23.03 1.58
N ASP A 221 -21.11 -24.34 1.32
CA ASP A 221 -21.28 -24.92 -0.01
C ASP A 221 -20.39 -24.22 -1.03
N GLY A 222 -19.13 -23.98 -0.65
CA GLY A 222 -18.21 -23.29 -1.54
C GLY A 222 -18.55 -21.84 -1.80
N GLU A 223 -19.44 -21.24 -1.02
CA GLU A 223 -19.81 -19.84 -1.16
C GLU A 223 -19.43 -19.09 0.11
N ASP A 224 -18.90 -17.88 -0.06
CA ASP A 224 -18.45 -17.11 1.10
C ASP A 224 -19.60 -16.79 2.03
N GLN A 225 -19.31 -16.81 3.34
CA GLN A 225 -20.30 -16.56 4.38
C GLN A 225 -19.71 -15.59 5.40
N THR A 226 -20.12 -14.33 5.33
CA THR A 226 -19.77 -13.32 6.34
C THR A 226 -20.97 -12.84 7.12
N GLN A 227 -22.12 -13.48 6.97
CA GLN A 227 -23.26 -13.22 7.85
C GLN A 227 -23.23 -14.22 9.00
N ASP A 228 -23.53 -13.72 10.19
CA ASP A 228 -23.51 -14.54 11.41
C ASP A 228 -22.13 -15.13 11.66
N THR A 229 -21.08 -14.37 11.34
CA THR A 229 -19.71 -14.77 11.63
C THR A 229 -19.14 -13.93 12.76
N GLU A 230 -18.01 -14.39 13.30
CA GLU A 230 -17.34 -13.71 14.40
C GLU A 230 -15.85 -13.91 14.22
N LEU A 231 -15.12 -12.80 14.11
CA LEU A 231 -13.67 -12.81 14.12
C LEU A 231 -13.19 -12.02 15.33
N VAL A 232 -12.21 -12.57 16.04
CA VAL A 232 -11.58 -11.87 17.15
C VAL A 232 -10.23 -11.36 16.69
N GLU A 233 -9.77 -10.29 17.33
CA GLU A 233 -8.46 -9.73 17.04
C GLU A 233 -7.38 -10.81 17.20
N THR A 234 -6.41 -10.79 16.30
CA THR A 234 -5.24 -11.64 16.47
C THR A 234 -4.52 -11.29 17.77
N ARG A 235 -4.18 -12.31 18.55
CA ARG A 235 -3.69 -12.09 19.90
C ARG A 235 -2.36 -12.80 20.11
N PRO A 236 -1.49 -12.25 20.96
CA PRO A 236 -0.22 -12.91 21.24
C PRO A 236 -0.38 -14.09 22.18
N ALA A 237 0.36 -15.16 21.89
CA ALA A 237 0.36 -16.33 22.75
C ALA A 237 1.32 -16.20 23.93
N GLY A 238 2.24 -15.24 23.87
CA GLY A 238 3.22 -15.05 24.93
C GLY A 238 4.54 -15.73 24.71
N ASP A 239 4.74 -16.36 23.55
CA ASP A 239 5.99 -17.07 23.26
C ASP A 239 6.56 -16.68 21.90
N GLY A 240 6.08 -15.58 21.32
CA GLY A 240 6.48 -15.16 20.00
C GLY A 240 5.48 -15.50 18.91
N THR A 241 4.64 -16.51 19.12
CA THR A 241 3.61 -16.88 18.16
C THR A 241 2.31 -16.15 18.46
N PHE A 242 1.31 -16.36 17.62
CA PHE A 242 0.04 -15.66 17.72
C PHE A 242 -1.12 -16.64 17.59
N GLN A 243 -2.31 -16.17 17.94
CA GLN A 243 -3.52 -16.98 17.89
C GLN A 243 -4.63 -16.18 17.25
N LYS A 244 -5.61 -16.89 16.71
CA LYS A 244 -6.81 -16.28 16.13
C LYS A 244 -7.85 -17.38 15.91
N TRP A 245 -9.12 -17.00 16.03
CA TRP A 245 -10.20 -17.93 15.70
C TRP A 245 -11.35 -17.18 15.06
N ALA A 246 -12.16 -17.93 14.31
CA ALA A 246 -13.34 -17.40 13.64
C ALA A 246 -14.49 -18.38 13.84
N ALA A 247 -15.69 -17.85 14.04
CA ALA A 247 -16.85 -18.66 14.35
C ALA A 247 -17.99 -18.38 13.37
N VAL A 248 -18.90 -19.34 13.26
CA VAL A 248 -20.08 -19.21 12.43
C VAL A 248 -21.22 -19.97 13.08
N VAL A 249 -22.42 -19.37 13.07
CA VAL A 249 -23.61 -19.99 13.60
C VAL A 249 -24.34 -20.68 12.45
N VAL A 250 -24.46 -22.01 12.55
CA VAL A 250 -25.01 -22.81 11.45
C VAL A 250 -26.21 -23.62 11.94
N PRO A 251 -27.14 -23.98 11.07
CA PRO A 251 -28.24 -24.85 11.48
C PRO A 251 -27.75 -26.25 11.81
N SER A 252 -28.47 -26.91 12.71
CA SER A 252 -28.12 -28.27 13.09
C SER A 252 -28.25 -29.20 11.89
N GLY A 253 -27.30 -30.14 11.78
CA GLY A 253 -27.27 -31.09 10.70
C GLY A 253 -26.52 -30.63 9.47
N GLU A 254 -26.51 -29.31 9.21
CA GLU A 254 -25.82 -28.76 8.04
C GLU A 254 -24.40 -28.33 8.35
N GLU A 255 -23.78 -28.89 9.41
CA GLU A 255 -22.45 -28.44 9.82
C GLU A 255 -21.41 -28.75 8.75
N GLN A 256 -21.55 -29.87 8.06
CA GLN A 256 -20.56 -30.28 7.08
C GLN A 256 -20.70 -29.55 5.76
N ARG A 257 -21.73 -28.71 5.59
CA ARG A 257 -21.81 -27.83 4.44
C ARG A 257 -20.81 -26.68 4.53
N TYR A 258 -20.22 -26.45 5.70
CA TYR A 258 -19.36 -25.31 5.94
C TYR A 258 -17.90 -25.72 5.90
N THR A 259 -17.07 -24.80 5.42
CA THR A 259 -15.62 -25.01 5.35
C THR A 259 -14.91 -23.77 5.88
N CYS A 260 -13.82 -24.00 6.63
CA CYS A 260 -12.96 -22.92 7.10
C CYS A 260 -11.68 -22.91 6.27
N HIS A 261 -11.25 -21.72 5.86
CA HIS A 261 -10.08 -21.56 5.03
C HIS A 261 -9.05 -20.71 5.77
N VAL A 262 -7.80 -21.19 5.79
CA VAL A 262 -6.72 -20.56 6.54
C VAL A 262 -5.62 -20.20 5.55
N GLN A 263 -5.37 -18.90 5.39
CA GLN A 263 -4.30 -18.39 4.55
C GLN A 263 -3.20 -17.83 5.44
N HIS A 264 -1.96 -18.20 5.14
CA HIS A 264 -0.81 -17.78 5.94
C HIS A 264 0.46 -18.02 5.12
N GLU A 265 1.42 -17.10 5.25
CA GLU A 265 2.64 -17.19 4.45
C GLU A 265 3.48 -18.40 4.82
N GLY A 266 3.27 -18.98 6.00
CA GLY A 266 3.96 -20.20 6.38
C GLY A 266 3.35 -21.47 5.83
N LEU A 267 2.28 -21.35 5.04
CA LEU A 267 1.60 -22.49 4.45
C LEU A 267 1.82 -22.51 2.95
N PRO A 268 2.26 -23.64 2.39
CA PRO A 268 2.38 -23.72 0.92
C PRO A 268 1.04 -23.50 0.21
N LYS A 269 0.01 -24.23 0.62
CA LYS A 269 -1.33 -24.07 0.07
C LYS A 269 -2.29 -23.64 1.17
N PRO A 270 -3.28 -22.81 0.86
CA PRO A 270 -4.28 -22.43 1.87
C PRO A 270 -5.07 -23.65 2.35
N LEU A 271 -5.17 -23.78 3.67
CA LEU A 271 -5.79 -24.96 4.26
C LEU A 271 -7.31 -24.86 4.20
N THR A 272 -7.95 -26.03 4.19
CA THR A 272 -9.41 -26.13 4.21
C THR A 272 -9.79 -27.20 5.21
N LEU A 273 -10.64 -26.85 6.17
CA LEU A 273 -11.04 -27.76 7.24
C LEU A 273 -12.56 -27.85 7.31
N ARG A 274 -13.05 -29.07 7.51
CA ARG A 274 -14.47 -29.34 7.55
C ARG A 274 -14.77 -30.25 8.74
N TRP A 275 -15.95 -30.07 9.33
CA TRP A 275 -16.37 -30.89 10.46
C TRP A 275 -16.94 -32.20 9.95
N GLU A 276 -16.25 -33.31 10.22
CA GLU A 276 -16.73 -34.63 9.81
C GLU A 276 -17.78 -35.18 10.76
N ILE B 2 -9.22 11.90 23.20
CA ILE B 2 -9.99 10.71 22.90
C ILE B 2 -9.86 9.73 24.07
N GLN B 3 -10.89 8.92 24.26
CA GLN B 3 -10.83 7.82 25.22
C GLN B 3 -11.52 6.61 24.60
N ARG B 4 -10.80 5.50 24.52
CA ARG B 4 -11.29 4.29 23.89
C ARG B 4 -11.32 3.16 24.92
N THR B 5 -12.39 2.38 24.89
CA THR B 5 -12.58 1.30 25.85
C THR B 5 -11.71 0.10 25.47
N PRO B 6 -11.04 -0.51 26.45
CA PRO B 6 -10.18 -1.66 26.14
C PRO B 6 -11.00 -2.90 25.80
N LYS B 7 -10.61 -3.58 24.73
CA LYS B 7 -11.07 -4.94 24.49
C LYS B 7 -10.29 -5.90 25.37
N ILE B 8 -10.91 -7.04 25.69
CA ILE B 8 -10.32 -8.01 26.58
C ILE B 8 -10.50 -9.41 26.02
N GLN B 9 -9.43 -10.21 26.02
CA GLN B 9 -9.48 -11.62 25.69
C GLN B 9 -8.71 -12.39 26.76
N VAL B 10 -9.35 -13.38 27.37
CA VAL B 10 -8.74 -14.23 28.38
C VAL B 10 -8.59 -15.63 27.82
N TYR B 11 -7.36 -16.15 27.84
CA TYR B 11 -7.04 -17.39 27.14
C TYR B 11 -5.71 -17.91 27.67
N SER B 12 -5.39 -19.14 27.27
CA SER B 12 -4.15 -19.80 27.65
C SER B 12 -3.18 -19.80 26.47
N ARG B 13 -1.89 -19.93 26.80
CA ARG B 13 -0.86 -19.98 25.76
C ARG B 13 -0.98 -21.25 24.94
N HIS B 14 -1.11 -22.40 25.61
CA HIS B 14 -1.28 -23.69 24.98
C HIS B 14 -2.68 -24.23 25.26
N PRO B 15 -3.16 -25.20 24.48
CA PRO B 15 -4.44 -25.83 24.80
C PRO B 15 -4.44 -26.39 26.21
N ALA B 16 -5.45 -25.98 26.98
CA ALA B 16 -5.48 -26.29 28.40
C ALA B 16 -5.76 -27.77 28.65
N GLU B 17 -4.97 -28.37 29.54
CA GLU B 17 -5.19 -29.75 29.98
C GLU B 17 -4.97 -29.78 31.49
N ASN B 18 -5.93 -30.34 32.22
CA ASN B 18 -5.86 -30.37 33.66
C ASN B 18 -4.60 -31.11 34.13
N GLY B 19 -3.89 -30.52 35.07
CA GLY B 19 -2.63 -31.06 35.57
C GLY B 19 -1.41 -30.50 34.88
N LYS B 20 -1.49 -30.34 33.56
CA LYS B 20 -0.36 -29.83 32.81
C LYS B 20 -0.20 -28.33 33.03
N SER B 21 1.03 -27.90 33.30
CA SER B 21 1.29 -26.49 33.49
C SER B 21 1.09 -25.72 32.18
N ASN B 22 0.82 -24.43 32.31
CA ASN B 22 0.46 -23.60 31.17
C ASN B 22 0.66 -22.14 31.57
N PHE B 23 0.32 -21.24 30.65
CA PHE B 23 0.38 -19.81 30.88
C PHE B 23 -1.00 -19.21 30.64
N LEU B 24 -1.42 -18.33 31.55
CA LEU B 24 -2.73 -17.69 31.49
C LEU B 24 -2.56 -16.27 30.97
N ASN B 25 -3.19 -15.98 29.83
CA ASN B 25 -3.06 -14.69 29.18
C ASN B 25 -4.33 -13.87 29.33
N CYS B 26 -4.17 -12.56 29.35
CA CYS B 26 -5.28 -11.61 29.34
C CYS B 26 -4.82 -10.43 28.48
N TYR B 27 -5.28 -10.41 27.23
CA TYR B 27 -4.83 -9.44 26.24
C TYR B 27 -5.81 -8.28 26.20
N VAL B 28 -5.33 -7.09 26.55
CA VAL B 28 -6.13 -5.86 26.50
C VAL B 28 -5.58 -4.97 25.41
N SER B 29 -6.48 -4.40 24.60
CA SER B 29 -6.09 -3.70 23.40
C SER B 29 -7.11 -2.62 23.09
N GLY B 30 -6.72 -1.72 22.18
CA GLY B 30 -7.63 -0.72 21.66
C GLY B 30 -8.02 0.38 22.61
N PHE B 31 -7.25 0.61 23.67
CA PHE B 31 -7.63 1.59 24.68
C PHE B 31 -6.71 2.80 24.65
N HIS B 32 -7.18 3.87 25.29
CA HIS B 32 -6.50 5.15 25.41
C HIS B 32 -7.18 5.97 26.51
N PRO B 33 -6.42 6.57 27.44
CA PRO B 33 -4.96 6.62 27.50
C PRO B 33 -4.31 5.33 28.01
N SER B 34 -3.01 5.41 28.34
CA SER B 34 -2.24 4.23 28.67
C SER B 34 -2.49 3.72 30.08
N ASP B 35 -2.95 4.57 30.99
CA ASP B 35 -3.15 4.16 32.37
C ASP B 35 -4.26 3.11 32.44
N ILE B 36 -3.91 1.93 32.97
CA ILE B 36 -4.85 0.82 33.07
C ILE B 36 -4.31 -0.15 34.12
N GLU B 37 -5.21 -0.71 34.91
CA GLU B 37 -4.86 -1.73 35.89
C GLU B 37 -5.48 -3.05 35.47
N VAL B 38 -4.67 -4.11 35.48
CA VAL B 38 -5.10 -5.44 35.04
C VAL B 38 -4.62 -6.46 36.07
N ASP B 39 -5.50 -7.35 36.49
CA ASP B 39 -5.17 -8.38 37.47
C ASP B 39 -5.71 -9.73 37.02
N LEU B 40 -4.93 -10.78 37.24
CA LEU B 40 -5.39 -12.14 37.05
C LEU B 40 -6.02 -12.65 38.33
N LEU B 41 -7.15 -13.33 38.20
CA LEU B 41 -7.91 -13.82 39.34
C LEU B 41 -8.03 -15.33 39.27
N LYS B 42 -7.75 -16.00 40.39
CA LYS B 42 -7.98 -17.43 40.54
C LYS B 42 -8.99 -17.63 41.65
N ASN B 43 -10.17 -18.16 41.30
CA ASN B 43 -11.26 -18.37 42.25
C ASN B 43 -11.60 -17.08 42.99
N GLY B 44 -11.53 -15.95 42.28
CA GLY B 44 -11.90 -14.66 42.82
C GLY B 44 -10.79 -13.90 43.51
N GLU B 45 -9.61 -14.48 43.68
CA GLU B 45 -8.50 -13.84 44.36
C GLU B 45 -7.41 -13.49 43.36
N ARG B 46 -6.78 -12.34 43.56
CA ARG B 46 -5.79 -11.85 42.61
C ARG B 46 -4.51 -12.68 42.70
N ILE B 47 -3.94 -12.98 41.54
CA ILE B 47 -2.71 -13.76 41.45
C ILE B 47 -1.53 -12.81 41.55
N GLU B 48 -0.58 -13.14 42.42
CA GLU B 48 0.61 -12.34 42.57
C GLU B 48 1.66 -12.76 41.55
N LYS B 49 2.57 -11.84 41.25
CA LYS B 49 3.65 -12.06 40.29
C LYS B 49 3.08 -12.37 38.91
N VAL B 50 2.34 -11.40 38.38
CA VAL B 50 1.82 -11.42 37.02
C VAL B 50 2.60 -10.38 36.22
N GLU B 51 3.19 -10.81 35.12
CA GLU B 51 4.02 -9.95 34.30
C GLU B 51 3.22 -9.42 33.12
N HIS B 52 3.67 -8.27 32.60
CA HIS B 52 3.04 -7.64 31.46
C HIS B 52 4.09 -7.23 30.44
N SER B 53 3.71 -7.31 29.17
CA SER B 53 4.58 -6.86 28.09
C SER B 53 4.78 -5.36 28.15
N ASP B 54 5.72 -4.87 27.34
CA ASP B 54 6.02 -3.45 27.31
C ASP B 54 4.96 -2.70 26.50
N LEU B 55 4.70 -1.47 26.91
CA LEU B 55 3.63 -0.68 26.31
C LEU B 55 3.95 -0.34 24.86
N SER B 56 3.00 -0.64 23.97
CA SER B 56 3.08 -0.26 22.57
C SER B 56 1.68 0.09 22.09
N PHE B 57 1.56 0.49 20.83
CA PHE B 57 0.27 0.91 20.30
C PHE B 57 0.16 0.56 18.82
N SER B 58 -1.05 0.73 18.28
CA SER B 58 -1.39 0.34 16.92
C SER B 58 -1.44 1.58 16.02
N LYS B 59 -1.83 1.35 14.76
CA LYS B 59 -1.86 2.44 13.79
C LYS B 59 -2.85 3.54 14.17
N ASP B 60 -3.92 3.18 14.86
CA ASP B 60 -4.91 4.16 15.32
C ASP B 60 -4.55 4.77 16.66
N TRP B 61 -3.30 4.61 17.11
CA TRP B 61 -2.73 5.13 18.34
C TRP B 61 -3.29 4.46 19.59
N SER B 62 -4.16 3.47 19.46
CA SER B 62 -4.69 2.77 20.62
C SER B 62 -3.67 1.79 21.17
N PHE B 63 -3.62 1.69 22.49
CA PHE B 63 -2.62 0.86 23.17
C PHE B 63 -3.07 -0.59 23.27
N TYR B 64 -2.08 -1.48 23.42
CA TYR B 64 -2.34 -2.87 23.74
C TYR B 64 -1.29 -3.38 24.70
N LEU B 65 -1.69 -4.33 25.55
CA LEU B 65 -0.81 -4.92 26.55
C LEU B 65 -1.23 -6.36 26.77
N LEU B 66 -0.25 -7.20 27.09
CA LEU B 66 -0.49 -8.61 27.41
C LEU B 66 -0.07 -8.86 28.85
N TYR B 67 -1.02 -9.32 29.66
CA TYR B 67 -0.75 -9.72 31.04
C TYR B 67 -0.78 -11.24 31.12
N TYR B 68 0.22 -11.81 31.77
CA TYR B 68 0.36 -13.26 31.80
C TYR B 68 1.03 -13.68 33.09
N THR B 69 0.77 -14.93 33.49
CA THR B 69 1.44 -15.53 34.64
C THR B 69 1.46 -17.04 34.46
N GLU B 70 2.40 -17.67 35.16
CA GLU B 70 2.44 -19.13 35.21
C GLU B 70 1.23 -19.64 35.98
N PHE B 71 0.52 -20.61 35.41
CA PHE B 71 -0.66 -21.15 36.08
C PHE B 71 -0.82 -22.61 35.71
N THR B 72 -1.60 -23.31 36.52
CA THR B 72 -1.88 -24.73 36.32
C THR B 72 -3.39 -24.95 36.26
N PRO B 73 -3.95 -25.25 35.09
CA PRO B 73 -5.39 -25.45 35.00
C PRO B 73 -5.82 -26.75 35.68
N THR B 74 -6.96 -26.69 36.36
CA THR B 74 -7.56 -27.86 36.99
C THR B 74 -9.02 -27.91 36.54
N GLU B 75 -9.82 -28.74 37.22
CA GLU B 75 -11.24 -28.85 36.91
C GLU B 75 -12.12 -27.99 37.81
N LYS B 76 -11.66 -27.67 39.02
CA LYS B 76 -12.43 -26.85 39.95
C LYS B 76 -12.08 -25.37 39.87
N ASP B 77 -10.81 -25.04 39.65
CA ASP B 77 -10.37 -23.65 39.72
C ASP B 77 -10.91 -22.84 38.55
N GLU B 78 -11.52 -21.70 38.86
CA GLU B 78 -11.98 -20.74 37.87
C GLU B 78 -10.98 -19.59 37.80
N TYR B 79 -10.65 -19.17 36.58
CA TYR B 79 -9.74 -18.07 36.36
C TYR B 79 -10.43 -16.95 35.61
N ALA B 80 -9.98 -15.73 35.84
CA ALA B 80 -10.57 -14.54 35.22
C ALA B 80 -9.52 -13.44 35.16
N CYS B 81 -9.87 -12.34 34.50
CA CYS B 81 -8.99 -11.18 34.39
C CYS B 81 -9.80 -9.92 34.66
N ARG B 82 -9.44 -9.20 35.72
CA ARG B 82 -10.11 -7.97 36.11
C ARG B 82 -9.42 -6.78 35.46
N VAL B 83 -10.19 -5.95 34.76
CA VAL B 83 -9.67 -4.81 34.03
C VAL B 83 -10.42 -3.55 34.49
N ASN B 84 -9.67 -2.53 34.88
CA ASN B 84 -10.25 -1.24 35.23
C ASN B 84 -9.58 -0.16 34.39
N HIS B 85 -10.40 0.68 33.77
CA HIS B 85 -9.95 1.77 32.92
C HIS B 85 -10.90 2.94 33.12
N VAL B 86 -10.40 4.15 32.89
CA VAL B 86 -11.23 5.34 33.11
C VAL B 86 -12.42 5.34 32.15
N THR B 87 -12.27 4.72 30.97
CA THR B 87 -13.39 4.62 30.04
C THR B 87 -14.50 3.73 30.58
N LEU B 88 -14.17 2.79 31.46
CA LEU B 88 -15.14 1.84 31.99
C LEU B 88 -15.86 2.43 33.18
N SER B 89 -17.18 2.19 33.25
CA SER B 89 -17.94 2.63 34.41
C SER B 89 -17.63 1.76 35.63
N GLN B 90 -17.52 0.46 35.43
CA GLN B 90 -17.15 -0.48 36.48
C GLN B 90 -15.99 -1.34 35.99
N PRO B 91 -15.20 -1.90 36.91
CA PRO B 91 -14.17 -2.86 36.51
C PRO B 91 -14.79 -4.05 35.79
N LYS B 92 -14.25 -4.37 34.62
CA LYS B 92 -14.73 -5.49 33.83
C LYS B 92 -14.00 -6.76 34.23
N ILE B 93 -14.75 -7.80 34.57
CA ILE B 93 -14.20 -9.10 34.95
C ILE B 93 -14.59 -10.09 33.87
N VAL B 94 -13.62 -10.56 33.11
CA VAL B 94 -13.84 -11.49 32.01
C VAL B 94 -13.33 -12.86 32.45
N LYS B 95 -14.25 -13.82 32.59
CA LYS B 95 -13.89 -15.15 33.02
C LYS B 95 -13.27 -15.95 31.87
N TRP B 96 -12.34 -16.83 32.21
CA TRP B 96 -11.67 -17.66 31.21
C TRP B 96 -12.62 -18.76 30.76
N ASP B 97 -13.12 -18.64 29.53
CA ASP B 97 -14.08 -19.60 28.97
C ASP B 97 -13.30 -20.67 28.23
N ARG B 98 -13.14 -21.83 28.86
CA ARG B 98 -12.40 -22.94 28.26
C ARG B 98 -13.18 -23.52 27.08
N VAL C 1 18.54 0.15 15.01
CA VAL C 1 18.84 1.33 15.82
C VAL C 1 17.74 2.38 15.65
N VAL C 2 17.50 3.14 16.72
CA VAL C 2 16.50 4.20 16.70
C VAL C 2 17.06 5.40 15.95
N VAL C 3 16.20 6.37 15.63
CA VAL C 3 16.62 7.50 14.82
C VAL C 3 17.71 8.28 15.56
N GLY C 4 18.90 8.30 14.97
CA GLY C 4 20.00 9.09 15.53
C GLY C 4 19.89 10.57 15.26
N ALA C 5 19.10 10.95 14.24
CA ALA C 5 18.86 12.37 13.97
C ALA C 5 18.23 13.01 15.20
N CYS C 6 18.74 14.15 15.61
CA CYS C 6 18.39 14.70 16.90
C CYS C 6 17.17 15.60 16.76
N GLY C 7 16.30 15.53 17.77
CA GLY C 7 14.96 16.05 17.68
C GLY C 7 14.79 17.55 17.71
N VAL C 8 14.21 18.11 16.66
CA VAL C 8 13.78 19.50 16.66
C VAL C 8 12.53 19.62 17.52
N GLY C 9 12.51 20.64 18.37
CA GLY C 9 11.38 20.84 19.24
C GLY C 9 10.09 21.11 18.49
N LYS C 10 8.97 20.87 19.16
CA LYS C 10 7.66 21.09 18.57
C LYS C 10 7.13 22.46 18.95
N GLY D 2 12.27 -7.65 -8.57
CA GLY D 2 11.56 -7.64 -7.30
C GLY D 2 10.13 -8.14 -7.43
N SER D 3 9.18 -7.28 -7.11
CA SER D 3 7.77 -7.61 -7.27
C SER D 3 7.29 -7.24 -8.67
N HIS D 4 6.23 -7.92 -9.11
CA HIS D 4 5.72 -7.73 -10.46
C HIS D 4 4.21 -7.80 -10.45
N SER D 5 3.61 -7.18 -11.46
CA SER D 5 2.17 -7.10 -11.59
C SER D 5 1.76 -7.42 -13.02
N MET D 6 0.51 -7.85 -13.18
CA MET D 6 -0.10 -8.05 -14.48
C MET D 6 -1.46 -7.35 -14.47
N ARG D 7 -1.67 -6.44 -15.42
CA ARG D 7 -2.86 -5.61 -15.44
C ARG D 7 -3.52 -5.69 -16.81
N TYR D 8 -4.85 -5.76 -16.80
CA TYR D 8 -5.67 -5.68 -18.00
C TYR D 8 -6.60 -4.47 -17.88
N PHE D 9 -6.68 -3.68 -18.95
CA PHE D 9 -7.50 -2.49 -18.97
C PHE D 9 -8.53 -2.63 -20.09
N TYR D 10 -9.80 -2.58 -19.73
CA TYR D 10 -10.90 -2.68 -20.69
C TYR D 10 -11.57 -1.31 -20.83
N THR D 11 -11.92 -0.97 -22.08
CA THR D 11 -12.63 0.27 -22.38
C THR D 11 -13.68 -0.02 -23.44
N SER D 12 -14.94 0.19 -23.10
CA SER D 12 -16.06 0.03 -24.02
C SER D 12 -16.81 1.36 -24.12
N VAL D 13 -16.85 1.91 -25.33
CA VAL D 13 -17.45 3.23 -25.58
C VAL D 13 -18.65 3.03 -26.48
N SER D 14 -19.84 3.30 -25.96
CA SER D 14 -21.04 3.24 -26.78
C SER D 14 -20.98 4.28 -27.89
N ARG D 15 -21.56 3.94 -29.04
CA ARG D 15 -21.72 4.90 -30.14
C ARG D 15 -23.08 4.64 -30.76
N PRO D 16 -24.13 5.26 -30.23
CA PRO D 16 -25.49 4.96 -30.71
C PRO D 16 -25.65 5.28 -32.19
N GLY D 17 -26.00 4.26 -32.97
CA GLY D 17 -26.27 4.40 -34.38
C GLY D 17 -25.09 4.15 -35.29
N ARG D 18 -23.88 4.50 -34.87
CA ARG D 18 -22.69 4.31 -35.71
C ARG D 18 -21.99 3.00 -35.42
N GLY D 19 -22.77 1.92 -35.35
CA GLY D 19 -22.23 0.60 -35.07
C GLY D 19 -22.40 0.23 -33.61
N GLU D 20 -21.71 -0.85 -33.24
CA GLU D 20 -21.77 -1.33 -31.87
C GLU D 20 -20.61 -0.75 -31.06
N PRO D 21 -20.74 -0.73 -29.73
CA PRO D 21 -19.73 -0.05 -28.90
C PRO D 21 -18.32 -0.56 -29.16
N ARG D 22 -17.39 0.37 -29.30
CA ARG D 22 -15.99 0.04 -29.47
C ARG D 22 -15.44 -0.58 -28.19
N PHE D 23 -14.76 -1.72 -28.31
CA PHE D 23 -14.16 -2.40 -27.18
C PHE D 23 -12.66 -2.47 -27.38
N ILE D 24 -11.91 -1.92 -26.43
CA ILE D 24 -10.45 -1.94 -26.45
C ILE D 24 -9.96 -2.58 -25.17
N ALA D 25 -9.03 -3.53 -25.30
CA ALA D 25 -8.44 -4.22 -24.18
C ALA D 25 -6.92 -4.26 -24.38
N VAL D 26 -6.17 -3.97 -23.33
CA VAL D 26 -4.71 -4.08 -23.38
C VAL D 26 -4.23 -4.79 -22.12
N GLY D 27 -3.20 -5.62 -22.29
CA GLY D 27 -2.63 -6.33 -21.16
C GLY D 27 -1.22 -5.87 -20.84
N TYR D 28 -0.93 -5.65 -19.56
CA TYR D 28 0.37 -5.17 -19.12
C TYR D 28 1.00 -6.16 -18.16
N VAL D 29 2.32 -6.26 -18.22
CA VAL D 29 3.12 -6.90 -17.19
C VAL D 29 4.12 -5.84 -16.72
N ASP D 30 3.92 -5.34 -15.50
CA ASP D 30 4.65 -4.17 -14.99
C ASP D 30 4.32 -3.01 -15.94
N ASP D 31 5.31 -2.32 -16.50
CA ASP D 31 5.08 -1.27 -17.48
C ASP D 31 5.30 -1.76 -18.91
N THR D 32 5.04 -3.04 -19.18
CA THR D 32 5.27 -3.63 -20.48
C THR D 32 3.96 -4.20 -21.01
N GLN D 33 3.40 -3.54 -22.03
CA GLN D 33 2.27 -4.10 -22.73
C GLN D 33 2.71 -5.33 -23.53
N PHE D 34 1.91 -6.39 -23.47
CA PHE D 34 2.22 -7.62 -24.19
C PHE D 34 1.08 -8.18 -25.02
N VAL D 35 -0.16 -7.75 -24.79
CA VAL D 35 -1.30 -8.15 -25.60
C VAL D 35 -2.23 -6.95 -25.73
N ARG D 36 -3.19 -7.07 -26.65
CA ARG D 36 -4.22 -6.05 -26.81
C ARG D 36 -5.32 -6.60 -27.71
N PHE D 37 -6.44 -5.88 -27.74
CA PHE D 37 -7.57 -6.22 -28.59
C PHE D 37 -8.33 -4.94 -28.93
N ASP D 38 -8.40 -4.63 -30.22
CA ASP D 38 -9.17 -3.48 -30.71
C ASP D 38 -10.35 -4.01 -31.51
N SER D 39 -11.57 -3.64 -31.09
CA SER D 39 -12.76 -4.12 -31.76
C SER D 39 -12.90 -3.57 -33.18
N ASP D 40 -12.21 -2.48 -33.49
CA ASP D 40 -12.25 -1.90 -34.83
C ASP D 40 -11.06 -2.31 -35.68
N ALA D 41 -10.14 -3.11 -35.15
CA ALA D 41 -9.09 -3.70 -35.96
C ALA D 41 -9.67 -4.85 -36.77
N ALA D 42 -9.08 -5.07 -37.96
CA ALA D 42 -9.61 -6.09 -38.86
C ALA D 42 -9.35 -7.50 -38.39
N SER D 43 -8.41 -7.69 -37.45
CA SER D 43 -8.05 -9.04 -37.03
C SER D 43 -9.16 -9.71 -36.23
N GLN D 44 -9.81 -8.94 -35.35
CA GLN D 44 -10.74 -9.49 -34.36
C GLN D 44 -10.06 -10.54 -33.48
N ARG D 45 -8.75 -10.39 -33.29
CA ARG D 45 -7.93 -11.33 -32.55
C ARG D 45 -7.22 -10.62 -31.41
N MET D 46 -6.84 -11.39 -30.40
CA MET D 46 -5.93 -10.90 -29.37
C MET D 46 -4.52 -10.90 -29.94
N GLU D 47 -3.93 -9.71 -30.08
CA GLU D 47 -2.67 -9.68 -30.81
C GLU D 47 -1.50 -9.51 -29.86
N PRO D 48 -0.34 -10.08 -30.20
CA PRO D 48 0.85 -9.93 -29.35
C PRO D 48 1.47 -8.55 -29.49
N ARG D 49 2.00 -8.04 -28.37
CA ARG D 49 2.68 -6.75 -28.35
C ARG D 49 4.04 -6.84 -27.66
N ALA D 50 4.60 -8.04 -27.55
CA ALA D 50 5.90 -8.25 -26.94
C ALA D 50 6.49 -9.53 -27.51
N PRO D 51 7.82 -9.62 -27.62
CA PRO D 51 8.41 -10.82 -28.25
C PRO D 51 8.18 -12.09 -27.45
N TRP D 52 8.28 -12.04 -26.13
CA TRP D 52 8.22 -13.25 -25.31
C TRP D 52 6.83 -13.89 -25.30
N ILE D 53 5.80 -13.17 -25.73
CA ILE D 53 4.47 -13.76 -25.82
C ILE D 53 4.21 -14.37 -27.19
N GLU D 54 5.06 -14.10 -28.18
CA GLU D 54 4.90 -14.68 -29.51
C GLU D 54 5.10 -16.19 -29.51
N GLN D 55 5.81 -16.73 -28.51
CA GLN D 55 6.03 -18.17 -28.41
C GLN D 55 4.82 -18.93 -27.91
N GLU D 56 3.71 -18.25 -27.66
CA GLU D 56 2.49 -18.93 -27.21
C GLU D 56 1.78 -19.56 -28.39
N GLY D 57 1.32 -20.80 -28.20
CA GLY D 57 0.68 -21.56 -29.25
C GLY D 57 -0.64 -20.96 -29.68
N PRO D 58 -1.19 -21.47 -30.80
CA PRO D 58 -2.48 -20.96 -31.27
C PRO D 58 -3.63 -21.24 -30.32
N GLU D 59 -3.51 -22.28 -29.49
CA GLU D 59 -4.52 -22.53 -28.47
C GLU D 59 -4.59 -21.38 -27.47
N TYR D 60 -3.44 -20.75 -27.18
CA TYR D 60 -3.42 -19.61 -26.29
C TYR D 60 -4.16 -18.41 -26.88
N TRP D 61 -3.89 -18.11 -28.15
CA TRP D 61 -4.48 -16.93 -28.77
C TRP D 61 -5.96 -17.10 -29.04
N ASP D 62 -6.41 -18.34 -29.25
CA ASP D 62 -7.84 -18.56 -29.47
C ASP D 62 -8.63 -18.46 -28.17
N GLN D 63 -8.11 -19.04 -27.09
CA GLN D 63 -8.80 -18.92 -25.80
C GLN D 63 -8.82 -17.48 -25.33
N GLU D 64 -7.73 -16.74 -25.56
CA GLU D 64 -7.68 -15.34 -25.15
C GLU D 64 -8.65 -14.51 -25.96
N THR D 65 -8.66 -14.70 -27.28
CA THR D 65 -9.62 -13.97 -28.13
C THR D 65 -11.06 -14.33 -27.76
N ARG D 66 -11.30 -15.60 -27.44
CA ARG D 66 -12.65 -16.02 -27.06
C ARG D 66 -13.11 -15.31 -25.78
N ASN D 67 -12.19 -15.10 -24.84
CA ASN D 67 -12.58 -14.61 -23.52
C ASN D 67 -12.81 -13.11 -23.49
N VAL D 68 -12.01 -12.33 -24.21
CA VAL D 68 -12.24 -10.88 -24.20
C VAL D 68 -13.40 -10.51 -25.12
N LYS D 69 -13.60 -11.25 -26.21
CA LYS D 69 -14.77 -11.00 -27.04
C LYS D 69 -16.05 -11.17 -26.24
N ALA D 70 -16.12 -12.21 -25.41
CA ALA D 70 -17.28 -12.40 -24.55
C ALA D 70 -17.44 -11.25 -23.57
N GLN D 71 -16.32 -10.76 -23.03
CA GLN D 71 -16.40 -9.61 -22.12
C GLN D 71 -16.98 -8.40 -22.81
N SER D 72 -16.63 -8.19 -24.08
CA SER D 72 -17.21 -7.08 -24.84
C SER D 72 -18.71 -7.21 -24.98
N GLN D 73 -19.20 -8.45 -25.14
CA GLN D 73 -20.64 -8.67 -25.23
C GLN D 73 -21.33 -8.28 -23.93
N THR D 74 -20.73 -8.61 -22.79
CA THR D 74 -21.32 -8.26 -21.50
C THR D 74 -21.33 -6.75 -21.29
N ASP D 75 -20.27 -6.06 -21.73
CA ASP D 75 -20.25 -4.61 -21.59
C ASP D 75 -21.30 -3.95 -22.48
N ARG D 76 -21.57 -4.53 -23.65
CA ARG D 76 -22.59 -3.98 -24.54
C ARG D 76 -23.94 -3.89 -23.84
N VAL D 77 -24.35 -4.97 -23.16
CA VAL D 77 -25.61 -4.93 -22.43
C VAL D 77 -25.45 -4.13 -21.13
N ASP D 78 -24.28 -4.18 -20.50
CA ASP D 78 -24.06 -3.37 -19.30
C ASP D 78 -24.18 -1.88 -19.62
N LEU D 79 -23.78 -1.46 -20.82
CA LEU D 79 -23.98 -0.09 -21.22
C LEU D 79 -25.47 0.25 -21.29
N GLY D 80 -26.28 -0.68 -21.78
CA GLY D 80 -27.72 -0.46 -21.83
C GLY D 80 -28.36 -0.51 -20.46
N THR D 81 -27.85 -1.36 -19.57
CA THR D 81 -28.40 -1.42 -18.23
C THR D 81 -28.07 -0.16 -17.44
N LEU D 82 -26.83 0.32 -17.55
CA LEU D 82 -26.42 1.48 -16.78
C LEU D 82 -27.08 2.76 -17.27
N ARG D 83 -27.32 2.89 -18.58
CA ARG D 83 -28.03 4.06 -19.08
C ARG D 83 -29.45 4.12 -18.50
N GLY D 84 -30.06 2.97 -18.22
CA GLY D 84 -31.36 2.96 -17.57
C GLY D 84 -31.26 3.19 -16.08
N TYR D 85 -30.16 2.78 -15.46
CA TYR D 85 -29.97 3.04 -14.03
C TYR D 85 -30.01 4.53 -13.74
N TYR D 86 -29.39 5.35 -14.58
CA TYR D 86 -29.38 6.79 -14.45
C TYR D 86 -30.45 7.47 -15.29
N ASN D 87 -31.30 6.70 -15.96
CA ASN D 87 -32.36 7.22 -16.83
C ASN D 87 -31.77 8.16 -17.89
N GLN D 88 -30.63 7.76 -18.45
CA GLN D 88 -29.98 8.57 -19.46
C GLN D 88 -30.61 8.33 -20.84
N SER D 89 -30.40 9.28 -21.73
CA SER D 89 -30.94 9.17 -23.07
C SER D 89 -30.22 8.07 -23.86
N GLU D 90 -30.91 7.57 -24.88
CA GLU D 90 -30.30 6.63 -25.82
C GLU D 90 -29.47 7.34 -26.89
N ASP D 91 -29.41 8.68 -26.86
CA ASP D 91 -28.64 9.41 -27.86
C ASP D 91 -27.18 9.55 -27.44
N GLY D 92 -26.93 9.87 -26.17
CA GLY D 92 -25.58 10.12 -25.73
C GLY D 92 -24.72 8.87 -25.73
N SER D 93 -23.41 9.10 -25.73
CA SER D 93 -22.42 8.03 -25.73
C SER D 93 -21.77 7.96 -24.36
N HIS D 94 -21.53 6.74 -23.89
CA HIS D 94 -21.03 6.52 -22.53
C HIS D 94 -19.91 5.49 -22.55
N THR D 95 -19.15 5.47 -21.46
CA THR D 95 -17.95 4.67 -21.34
C THR D 95 -18.01 3.79 -20.10
N ILE D 96 -17.60 2.53 -20.26
CA ILE D 96 -17.41 1.61 -19.16
C ILE D 96 -15.96 1.16 -19.19
N GLN D 97 -15.25 1.37 -18.08
CA GLN D 97 -13.85 1.00 -17.97
C GLN D 97 -13.69 -0.04 -16.88
N ILE D 98 -12.79 -1.00 -17.12
CA ILE D 98 -12.56 -2.12 -16.21
C ILE D 98 -11.06 -2.26 -15.99
N MET D 99 -10.65 -2.32 -14.73
CA MET D 99 -9.27 -2.53 -14.34
C MET D 99 -9.21 -3.72 -13.39
N TYR D 100 -8.35 -4.67 -13.69
CA TYR D 100 -8.15 -5.81 -12.80
C TYR D 100 -6.76 -6.39 -13.05
N GLY D 101 -6.27 -7.10 -12.05
CA GLY D 101 -4.95 -7.69 -12.15
C GLY D 101 -4.47 -8.17 -10.79
N CYS D 102 -3.27 -8.73 -10.80
CA CYS D 102 -2.70 -9.38 -9.62
C CYS D 102 -1.26 -8.92 -9.43
N ASP D 103 -0.80 -8.99 -8.18
CA ASP D 103 0.57 -8.70 -7.81
C ASP D 103 1.20 -9.96 -7.23
N VAL D 104 2.49 -10.15 -7.51
CA VAL D 104 3.25 -11.27 -6.94
C VAL D 104 4.58 -10.76 -6.45
N GLY D 105 5.14 -11.47 -5.47
CA GLY D 105 6.46 -11.15 -4.96
C GLY D 105 7.55 -11.81 -5.76
N PRO D 106 8.81 -11.55 -5.39
CA PRO D 106 9.93 -12.18 -6.12
C PRO D 106 9.87 -13.70 -6.13
N ASP D 107 9.38 -14.32 -5.04
CA ASP D 107 9.19 -15.76 -5.04
C ASP D 107 7.98 -16.21 -5.84
N GLY D 108 7.19 -15.27 -6.37
CA GLY D 108 6.11 -15.59 -7.28
C GLY D 108 4.79 -15.94 -6.64
N ARG D 109 4.61 -15.68 -5.34
CA ARG D 109 3.35 -16.00 -4.67
C ARG D 109 2.46 -14.76 -4.58
N PHE D 110 1.18 -15.02 -4.40
CA PHE D 110 0.16 -13.97 -4.43
C PHE D 110 0.40 -12.92 -3.35
N LEU D 111 0.19 -11.66 -3.71
CA LEU D 111 0.27 -10.54 -2.77
C LEU D 111 -1.05 -9.80 -2.65
N ARG D 112 -1.68 -9.46 -3.78
CA ARG D 112 -2.93 -8.71 -3.78
C ARG D 112 -3.53 -8.77 -5.18
N GLY D 113 -4.85 -8.57 -5.23
CA GLY D 113 -5.56 -8.54 -6.48
C GLY D 113 -6.48 -7.33 -6.55
N TYR D 114 -6.87 -6.98 -7.77
CA TYR D 114 -7.70 -5.81 -8.01
C TYR D 114 -8.86 -6.15 -8.92
N ARG D 115 -9.93 -5.36 -8.79
CA ARG D 115 -11.07 -5.36 -9.72
C ARG D 115 -11.87 -4.09 -9.50
N GLN D 116 -11.76 -3.15 -10.43
CA GLN D 116 -12.39 -1.85 -10.30
C GLN D 116 -13.12 -1.53 -11.60
N ASP D 117 -14.38 -1.12 -11.50
CA ASP D 117 -15.20 -0.80 -12.65
C ASP D 117 -15.65 0.65 -12.59
N ALA D 118 -15.59 1.34 -13.73
CA ALA D 118 -15.94 2.74 -13.81
C ALA D 118 -17.00 2.96 -14.89
N TYR D 119 -17.73 4.07 -14.75
CA TYR D 119 -18.73 4.47 -15.73
C TYR D 119 -18.60 5.96 -15.96
N ASP D 120 -18.34 6.36 -17.21
CA ASP D 120 -18.21 7.76 -17.60
C ASP D 120 -17.11 8.47 -16.80
N GLY D 121 -15.99 7.77 -16.61
CA GLY D 121 -14.80 8.37 -16.03
C GLY D 121 -14.76 8.43 -14.52
N LYS D 122 -15.78 7.93 -13.83
CA LYS D 122 -15.82 7.98 -12.37
C LYS D 122 -16.12 6.60 -11.81
N ASP D 123 -15.85 6.45 -10.52
CA ASP D 123 -16.01 5.16 -9.85
C ASP D 123 -17.44 4.66 -9.95
N TYR D 124 -17.58 3.34 -10.16
CA TYR D 124 -18.89 2.70 -10.15
C TYR D 124 -18.94 1.62 -9.08
N ILE D 125 -18.26 0.50 -9.28
CA ILE D 125 -18.18 -0.55 -8.27
C ILE D 125 -16.76 -1.13 -8.31
N ALA D 126 -16.27 -1.52 -7.14
CA ALA D 126 -14.90 -2.01 -7.02
C ALA D 126 -14.86 -3.17 -6.03
N LEU D 127 -13.95 -4.11 -6.31
CA LEU D 127 -13.68 -5.19 -5.38
C LEU D 127 -12.72 -4.69 -4.31
N ASN D 128 -13.10 -4.83 -3.04
CA ASN D 128 -12.19 -4.49 -1.96
C ASN D 128 -11.01 -5.47 -1.94
N GLU D 129 -9.96 -5.09 -1.21
CA GLU D 129 -8.74 -5.89 -1.26
C GLU D 129 -8.89 -7.22 -0.54
N ASP D 130 -9.89 -7.37 0.33
CA ASP D 130 -10.18 -8.69 0.88
C ASP D 130 -10.70 -9.65 -0.17
N LEU D 131 -10.98 -9.16 -1.37
CA LEU D 131 -11.46 -9.98 -2.49
C LEU D 131 -12.76 -10.69 -2.15
N ARG D 132 -13.53 -10.10 -1.24
CA ARG D 132 -14.76 -10.71 -0.75
C ARG D 132 -15.94 -9.75 -0.66
N SER D 133 -15.70 -8.44 -0.65
CA SER D 133 -16.76 -7.45 -0.48
C SER D 133 -16.66 -6.40 -1.58
N TRP D 134 -17.76 -5.67 -1.77
CA TRP D 134 -17.85 -4.69 -2.84
C TRP D 134 -18.09 -3.29 -2.26
N THR D 135 -17.57 -2.28 -2.97
CA THR D 135 -17.81 -0.89 -2.64
C THR D 135 -18.51 -0.24 -3.84
N ALA D 136 -19.71 0.26 -3.61
CA ALA D 136 -20.50 0.93 -4.65
C ALA D 136 -20.37 2.44 -4.47
N ALA D 137 -20.08 3.15 -5.57
CA ALA D 137 -19.87 4.59 -5.48
C ALA D 137 -21.18 5.33 -5.29
N ASP D 138 -22.22 4.94 -6.04
CA ASP D 138 -23.51 5.61 -5.99
C ASP D 138 -24.61 4.56 -5.78
N MET D 139 -25.85 5.03 -5.78
CA MET D 139 -26.98 4.13 -5.54
C MET D 139 -27.24 3.23 -6.74
N ALA D 140 -26.97 3.71 -7.95
CA ALA D 140 -27.14 2.87 -9.14
C ALA D 140 -26.17 1.70 -9.15
N ALA D 141 -25.08 1.79 -8.41
CA ALA D 141 -24.14 0.68 -8.31
C ALA D 141 -24.50 -0.29 -7.20
N GLN D 142 -25.35 0.12 -6.25
CA GLN D 142 -25.75 -0.76 -5.17
C GLN D 142 -26.75 -1.83 -5.61
N ILE D 143 -27.33 -1.70 -6.81
CA ILE D 143 -28.12 -2.80 -7.37
C ILE D 143 -27.21 -3.76 -8.14
N THR D 144 -26.17 -3.24 -8.79
CA THR D 144 -25.13 -4.11 -9.32
C THR D 144 -24.45 -4.89 -8.20
N LYS D 145 -24.21 -4.22 -7.07
CA LYS D 145 -23.61 -4.89 -5.91
C LYS D 145 -24.49 -6.03 -5.43
N ARG D 146 -25.80 -5.79 -5.32
CA ARG D 146 -26.71 -6.85 -4.88
C ARG D 146 -26.78 -7.98 -5.89
N LYS D 147 -26.73 -7.65 -7.19
CA LYS D 147 -26.66 -8.69 -8.21
C LYS D 147 -25.39 -9.53 -8.05
N TRP D 148 -24.25 -8.86 -7.93
CA TRP D 148 -22.98 -9.58 -7.84
C TRP D 148 -22.86 -10.36 -6.53
N GLU D 149 -23.50 -9.87 -5.46
CA GLU D 149 -23.53 -10.63 -4.22
C GLU D 149 -24.41 -11.88 -4.36
N ALA D 150 -25.60 -11.72 -4.93
CA ALA D 150 -26.50 -12.85 -5.11
C ALA D 150 -25.91 -13.91 -6.02
N ALA D 151 -25.14 -13.49 -7.02
CA ALA D 151 -24.49 -14.42 -7.94
C ALA D 151 -23.12 -14.88 -7.48
N HIS D 152 -22.63 -14.34 -6.36
CA HIS D 152 -21.31 -14.67 -5.82
C HIS D 152 -20.22 -14.46 -6.87
N ALA D 153 -20.25 -13.27 -7.47
CA ALA D 153 -19.23 -12.91 -8.46
C ALA D 153 -17.86 -12.73 -7.81
N ALA D 154 -17.82 -12.39 -6.53
CA ALA D 154 -16.56 -12.18 -5.85
C ALA D 154 -15.71 -13.45 -5.82
N GLU D 155 -16.35 -14.60 -5.65
CA GLU D 155 -15.61 -15.86 -5.57
C GLU D 155 -14.92 -16.17 -6.89
N GLN D 156 -15.62 -16.01 -8.01
CA GLN D 156 -15.00 -16.32 -9.30
C GLN D 156 -13.94 -15.29 -9.66
N GLN D 157 -14.15 -14.03 -9.29
CA GLN D 157 -13.09 -13.04 -9.44
C GLN D 157 -11.91 -13.37 -8.55
N ARG D 158 -12.17 -13.77 -7.30
CA ARG D 158 -11.09 -14.11 -6.39
C ARG D 158 -10.34 -15.36 -6.86
N ALA D 159 -11.07 -16.33 -7.42
CA ALA D 159 -10.43 -17.56 -7.87
C ALA D 159 -9.43 -17.30 -8.98
N TYR D 160 -9.73 -16.34 -9.86
CA TYR D 160 -8.81 -16.02 -10.94
C TYR D 160 -7.62 -15.22 -10.45
N LEU D 161 -7.87 -14.20 -9.63
CA LEU D 161 -6.79 -13.32 -9.18
C LEU D 161 -5.73 -14.07 -8.38
N GLU D 162 -6.13 -15.06 -7.61
CA GLU D 162 -5.19 -15.89 -6.86
C GLU D 162 -4.77 -17.14 -7.65
N GLY D 163 -5.50 -17.52 -8.68
CA GLY D 163 -5.18 -18.72 -9.44
C GLY D 163 -4.51 -18.48 -10.77
N ARG D 164 -5.30 -18.41 -11.84
CA ARG D 164 -4.73 -18.33 -13.18
C ARG D 164 -3.91 -17.06 -13.38
N CYS D 165 -4.24 -15.98 -12.66
CA CYS D 165 -3.51 -14.73 -12.81
C CYS D 165 -2.06 -14.88 -12.38
N VAL D 166 -1.84 -15.39 -11.15
CA VAL D 166 -0.48 -15.45 -10.62
C VAL D 166 0.34 -16.53 -11.31
N GLU D 167 -0.32 -17.58 -11.82
CA GLU D 167 0.42 -18.69 -12.42
C GLU D 167 0.96 -18.30 -13.79
N TRP D 168 0.16 -17.58 -14.58
CA TRP D 168 0.63 -17.14 -15.90
C TRP D 168 1.57 -15.95 -15.79
N LEU D 169 1.41 -15.12 -14.75
CA LEU D 169 2.36 -14.04 -14.51
C LEU D 169 3.75 -14.62 -14.23
N ARG D 170 3.83 -15.63 -13.36
CA ARG D 170 5.08 -16.35 -13.17
C ARG D 170 5.58 -16.93 -14.49
N ARG D 171 4.67 -17.43 -15.31
CA ARG D 171 5.05 -17.95 -16.63
C ARG D 171 5.57 -16.83 -17.52
N TYR D 172 4.84 -15.70 -17.57
CA TYR D 172 5.26 -14.58 -18.39
C TYR D 172 6.60 -14.03 -17.93
N LEU D 173 6.84 -14.00 -16.62
CA LEU D 173 8.10 -13.49 -16.10
C LEU D 173 9.26 -14.42 -16.39
N GLU D 174 8.98 -15.72 -16.56
CA GLU D 174 10.05 -16.67 -16.84
C GLU D 174 10.40 -16.71 -18.32
N ASN D 175 9.39 -16.63 -19.20
CA ASN D 175 9.65 -16.65 -20.63
C ASN D 175 10.33 -15.36 -21.09
N GLY D 176 9.89 -14.22 -20.57
CA GLY D 176 10.50 -12.96 -20.91
C GLY D 176 11.43 -12.46 -19.81
N LYS D 177 12.14 -13.39 -19.16
CA LYS D 177 13.04 -13.01 -18.09
C LYS D 177 14.19 -12.13 -18.56
N GLU D 178 14.45 -12.10 -19.87
CA GLU D 178 15.51 -11.25 -20.40
C GLU D 178 15.08 -9.82 -20.64
N THR D 179 13.76 -9.55 -20.63
CA THR D 179 13.26 -8.22 -20.91
C THR D 179 12.37 -7.64 -19.81
N LEU D 180 11.77 -8.46 -18.97
CA LEU D 180 10.87 -7.99 -17.93
C LEU D 180 11.53 -7.88 -16.56
N GLN D 181 12.46 -8.77 -16.24
CA GLN D 181 13.21 -8.71 -14.99
C GLN D 181 14.49 -7.91 -15.12
N ARG D 182 14.64 -7.13 -16.20
CA ARG D 182 15.78 -6.25 -16.39
C ARG D 182 15.39 -4.82 -16.00
N THR D 183 16.41 -4.04 -15.65
CA THR D 183 16.22 -2.63 -15.34
C THR D 183 17.16 -1.80 -16.20
N ASP D 184 16.63 -0.73 -16.78
CA ASP D 184 17.43 0.22 -17.52
C ASP D 184 17.63 1.47 -16.66
N PRO D 185 18.85 1.80 -16.25
CA PRO D 185 19.05 3.00 -15.46
C PRO D 185 18.79 4.24 -16.27
N PRO D 186 18.39 5.34 -15.66
CA PRO D 186 18.12 6.56 -16.42
C PRO D 186 19.40 7.18 -16.97
N LYS D 187 19.31 7.71 -18.18
CA LYS D 187 20.41 8.45 -18.80
C LYS D 187 20.19 9.93 -18.48
N THR D 188 21.08 10.49 -17.66
CA THR D 188 20.88 11.81 -17.09
C THR D 188 21.79 12.85 -17.75
N HIS D 189 21.26 14.06 -17.86
CA HIS D 189 22.04 15.22 -18.26
C HIS D 189 21.27 16.47 -17.82
N MET D 190 21.97 17.60 -17.82
CA MET D 190 21.41 18.85 -17.33
C MET D 190 21.61 19.95 -18.36
N THR D 191 20.61 20.81 -18.50
CA THR D 191 20.65 21.92 -19.44
C THR D 191 20.45 23.23 -18.69
N HIS D 192 21.12 24.28 -19.16
CA HIS D 192 21.03 25.62 -18.60
C HIS D 192 20.42 26.55 -19.64
N HIS D 193 19.37 27.26 -19.25
CA HIS D 193 18.69 28.20 -20.13
C HIS D 193 18.54 29.54 -19.42
N PRO D 194 19.32 30.56 -19.77
CA PRO D 194 19.13 31.88 -19.17
C PRO D 194 17.80 32.47 -19.58
N ILE D 195 17.00 32.85 -18.58
CA ILE D 195 15.70 33.46 -18.83
C ILE D 195 15.72 34.97 -18.67
N SER D 196 16.66 35.51 -17.88
CA SER D 196 16.79 36.95 -17.69
C SER D 196 18.22 37.25 -17.29
N ASP D 197 18.50 38.54 -17.06
CA ASP D 197 19.81 38.95 -16.59
C ASP D 197 20.04 38.64 -15.12
N HIS D 198 19.00 38.17 -14.41
CA HIS D 198 19.11 37.89 -12.99
C HIS D 198 18.69 36.48 -12.60
N GLU D 199 18.02 35.74 -13.48
CA GLU D 199 17.59 34.38 -13.17
C GLU D 199 17.86 33.47 -14.35
N ALA D 200 18.02 32.17 -14.06
CA ALA D 200 18.23 31.16 -15.08
C ALA D 200 17.52 29.88 -14.66
N THR D 201 17.16 29.07 -15.65
CA THR D 201 16.41 27.84 -15.42
C THR D 201 17.30 26.63 -15.63
N LEU D 202 17.34 25.74 -14.63
CA LEU D 202 18.06 24.49 -14.70
C LEU D 202 17.06 23.36 -14.95
N ARG D 203 17.33 22.54 -15.97
CA ARG D 203 16.49 21.40 -16.29
C ARG D 203 17.29 20.11 -16.12
N CYS D 204 16.72 19.17 -15.37
CA CYS D 204 17.37 17.91 -15.04
C CYS D 204 16.67 16.79 -15.80
N TRP D 205 17.40 16.11 -16.67
CA TRP D 205 16.83 15.15 -17.60
C TRP D 205 17.08 13.72 -17.16
N ALA D 206 16.11 12.84 -17.44
CA ALA D 206 16.24 11.41 -17.22
C ALA D 206 15.58 10.70 -18.39
N LEU D 207 16.36 9.89 -19.11
CA LEU D 207 15.90 9.29 -20.36
C LEU D 207 16.19 7.80 -20.38
N GLY D 208 15.32 7.07 -21.07
CA GLY D 208 15.55 5.66 -21.36
C GLY D 208 15.59 4.72 -20.17
N PHE D 209 14.73 4.94 -19.18
CA PHE D 209 14.70 4.10 -17.99
C PHE D 209 13.46 3.20 -18.00
N TYR D 210 13.61 2.03 -17.37
CA TYR D 210 12.53 1.08 -17.17
C TYR D 210 12.79 0.41 -15.83
N PRO D 211 11.78 0.27 -14.96
CA PRO D 211 10.38 0.67 -15.15
C PRO D 211 10.15 2.18 -15.05
N ALA D 212 8.88 2.59 -15.13
CA ALA D 212 8.56 4.01 -15.30
C ALA D 212 8.75 4.81 -14.02
N GLU D 213 8.49 4.21 -12.86
CA GLU D 213 8.47 4.96 -11.61
C GLU D 213 9.86 5.50 -11.30
N ILE D 214 9.95 6.83 -11.12
CA ILE D 214 11.20 7.52 -10.89
C ILE D 214 10.93 8.71 -9.99
N THR D 215 11.99 9.26 -9.39
CA THR D 215 11.88 10.40 -8.49
C THR D 215 12.95 11.41 -8.83
N LEU D 216 12.53 12.61 -9.23
CA LEU D 216 13.44 13.72 -9.52
C LEU D 216 13.19 14.83 -8.52
N THR D 217 14.20 15.16 -7.72
CA THR D 217 14.09 16.18 -6.69
C THR D 217 15.25 17.16 -6.79
N TRP D 218 14.97 18.43 -6.51
CA TRP D 218 15.98 19.47 -6.52
C TRP D 218 16.35 19.85 -5.08
N GLN D 219 17.62 20.14 -4.86
CA GLN D 219 18.11 20.56 -3.56
C GLN D 219 19.04 21.75 -3.73
N ARG D 220 18.98 22.69 -2.78
CA ARG D 220 19.88 23.84 -2.73
C ARG D 220 20.66 23.79 -1.43
N ASP D 221 21.99 23.76 -1.54
CA ASP D 221 22.88 23.66 -0.37
C ASP D 221 22.54 22.42 0.46
N GLY D 222 22.21 21.32 -0.21
CA GLY D 222 21.83 20.11 0.49
C GLY D 222 20.48 20.16 1.17
N GLU D 223 19.67 21.19 0.89
CA GLU D 223 18.36 21.35 1.50
C GLU D 223 17.29 21.26 0.44
N ASP D 224 16.18 20.60 0.79
CA ASP D 224 15.12 20.32 -0.19
C ASP D 224 14.57 21.61 -0.78
N GLN D 225 14.28 21.56 -2.08
CA GLN D 225 13.72 22.70 -2.80
C GLN D 225 12.42 22.30 -3.48
N THR D 226 11.41 23.15 -3.35
CA THR D 226 10.15 23.00 -4.06
C THR D 226 9.61 24.32 -4.60
N GLN D 227 9.91 25.45 -3.96
CA GLN D 227 9.58 26.75 -4.54
C GLN D 227 10.19 26.87 -5.92
N ASP D 228 9.34 27.17 -6.91
CA ASP D 228 9.77 27.48 -8.27
C ASP D 228 10.44 26.28 -8.93
N THR D 229 9.84 25.11 -8.76
CA THR D 229 10.28 23.88 -9.39
C THR D 229 9.14 23.32 -10.22
N GLU D 230 9.43 22.94 -11.45
CA GLU D 230 8.44 22.34 -12.33
C GLU D 230 8.78 20.87 -12.58
N LEU D 231 7.74 20.07 -12.81
CA LEU D 231 7.89 18.62 -12.93
C LEU D 231 6.86 18.12 -13.93
N VAL D 232 7.32 17.53 -15.03
CA VAL D 232 6.41 17.03 -16.05
C VAL D 232 6.07 15.56 -15.76
N GLU D 233 4.93 15.13 -16.27
CA GLU D 233 4.50 13.75 -16.13
C GLU D 233 5.47 12.82 -16.85
N THR D 234 5.71 11.66 -16.23
CA THR D 234 6.51 10.62 -16.86
C THR D 234 5.88 10.21 -18.19
N ARG D 235 6.68 10.21 -19.25
CA ARG D 235 6.16 10.00 -20.60
C ARG D 235 6.89 8.86 -21.29
N PRO D 236 6.20 8.10 -22.12
CA PRO D 236 6.87 7.01 -22.86
C PRO D 236 7.66 7.55 -24.05
N ALA D 237 8.82 6.95 -24.30
CA ALA D 237 9.64 7.30 -25.44
C ALA D 237 9.23 6.58 -26.71
N GLY D 238 8.47 5.48 -26.60
CA GLY D 238 8.02 4.71 -27.73
C GLY D 238 8.72 3.38 -27.91
N ASP D 239 9.91 3.21 -27.33
CA ASP D 239 10.70 2.00 -27.47
C ASP D 239 10.64 1.11 -26.23
N GLY D 240 9.68 1.36 -25.34
CA GLY D 240 9.56 0.61 -24.10
C GLY D 240 10.16 1.30 -22.89
N THR D 241 10.86 2.41 -23.08
CA THR D 241 11.44 3.18 -21.99
C THR D 241 10.64 4.46 -21.79
N PHE D 242 10.99 5.20 -20.73
CA PHE D 242 10.25 6.39 -20.34
C PHE D 242 11.20 7.56 -20.13
N GLN D 243 10.63 8.76 -20.06
CA GLN D 243 11.38 9.98 -19.87
C GLN D 243 10.68 10.86 -18.84
N LYS D 244 11.44 11.80 -18.27
CA LYS D 244 10.94 12.76 -17.30
C LYS D 244 12.02 13.80 -17.03
N TRP D 245 11.62 15.04 -16.81
CA TRP D 245 12.57 16.08 -16.45
C TRP D 245 12.01 16.96 -15.34
N ALA D 246 12.94 17.63 -14.64
CA ALA D 246 12.61 18.53 -13.54
C ALA D 246 13.34 19.85 -13.75
N ALA D 247 12.62 20.95 -13.50
CA ALA D 247 13.14 22.29 -13.71
C ALA D 247 13.14 23.09 -12.42
N VAL D 248 13.96 24.15 -12.40
CA VAL D 248 14.02 25.07 -11.27
C VAL D 248 14.66 26.36 -11.76
N VAL D 249 14.08 27.50 -11.39
CA VAL D 249 14.64 28.81 -11.69
C VAL D 249 15.59 29.18 -10.55
N VAL D 250 16.80 29.59 -10.90
CA VAL D 250 17.82 29.92 -9.90
C VAL D 250 18.40 31.30 -10.23
N PRO D 251 18.89 32.03 -9.23
CA PRO D 251 19.61 33.28 -9.53
C PRO D 251 20.90 32.99 -10.28
N SER D 252 21.25 33.90 -11.19
CA SER D 252 22.44 33.73 -11.99
C SER D 252 23.70 33.76 -11.13
N GLY D 253 24.64 32.89 -11.45
CA GLY D 253 25.87 32.74 -10.68
C GLY D 253 25.80 31.68 -9.59
N GLU D 254 24.60 31.41 -9.07
CA GLU D 254 24.41 30.41 -8.04
C GLU D 254 23.86 29.10 -8.58
N GLU D 255 24.11 28.80 -9.85
CA GLU D 255 23.65 27.54 -10.43
C GLU D 255 24.32 26.36 -9.74
N GLN D 256 25.59 26.50 -9.36
CA GLN D 256 26.34 25.42 -8.74
C GLN D 256 25.91 25.15 -7.31
N ARG D 257 25.00 25.94 -6.75
CA ARG D 257 24.46 25.66 -5.43
C ARG D 257 23.35 24.63 -5.44
N TYR D 258 22.87 24.24 -6.61
CA TYR D 258 21.71 23.36 -6.75
C TYR D 258 22.14 21.97 -7.19
N THR D 259 21.44 20.96 -6.68
CA THR D 259 21.68 19.57 -7.04
C THR D 259 20.37 18.91 -7.42
N CYS D 260 20.43 18.05 -8.44
CA CYS D 260 19.29 17.24 -8.84
C CYS D 260 19.55 15.80 -8.42
N HIS D 261 18.57 15.19 -7.77
CA HIS D 261 18.68 13.83 -7.27
C HIS D 261 17.73 12.92 -8.04
N VAL D 262 18.27 11.82 -8.56
CA VAL D 262 17.54 10.90 -9.41
C VAL D 262 17.52 9.54 -8.73
N GLN D 263 16.35 9.16 -8.22
CA GLN D 263 16.17 7.85 -7.60
C GLN D 263 15.41 6.95 -8.56
N HIS D 264 15.99 5.78 -8.85
CA HIS D 264 15.38 4.81 -9.75
C HIS D 264 15.78 3.42 -9.30
N GLU D 265 14.91 2.44 -9.57
CA GLU D 265 15.20 1.06 -9.15
C GLU D 265 16.39 0.50 -9.92
N GLY D 266 16.60 0.97 -11.15
CA GLY D 266 17.72 0.52 -11.97
C GLY D 266 19.06 1.08 -11.59
N LEU D 267 19.14 1.86 -10.51
CA LEU D 267 20.40 2.42 -10.08
C LEU D 267 20.87 1.73 -8.80
N PRO D 268 22.18 1.54 -8.63
CA PRO D 268 22.66 1.07 -7.31
C PRO D 268 22.19 1.96 -6.18
N LYS D 269 22.30 3.27 -6.36
CA LYS D 269 21.86 4.25 -5.38
C LYS D 269 21.47 5.51 -6.15
N PRO D 270 20.80 6.46 -5.48
CA PRO D 270 20.42 7.70 -6.16
C PRO D 270 21.63 8.47 -6.70
N LEU D 271 21.44 9.05 -7.89
CA LEU D 271 22.44 9.87 -8.53
C LEU D 271 22.28 11.33 -8.12
N THR D 272 23.37 12.08 -8.23
CA THR D 272 23.38 13.51 -7.94
C THR D 272 24.01 14.25 -9.10
N LEU D 273 23.36 15.33 -9.53
CA LEU D 273 23.82 16.11 -10.67
C LEU D 273 23.92 17.58 -10.28
N ARG D 274 24.97 18.24 -10.77
CA ARG D 274 25.20 19.65 -10.49
C ARG D 274 25.72 20.33 -11.74
N TRP D 275 25.22 21.52 -12.02
CA TRP D 275 25.64 22.25 -13.22
C TRP D 275 27.08 22.71 -13.10
N GLU D 276 27.73 22.86 -14.25
CA GLU D 276 29.05 23.45 -14.34
C GLU D 276 29.35 23.80 -15.79
N ILE E 2 -18.59 13.92 -16.48
CA ILE E 2 -17.27 14.42 -16.15
C ILE E 2 -16.39 14.46 -17.40
N GLN E 3 -15.79 15.62 -17.66
CA GLN E 3 -14.94 15.82 -18.83
C GLN E 3 -13.61 16.41 -18.37
N ARG E 4 -12.53 15.94 -18.99
CA ARG E 4 -11.18 16.38 -18.65
C ARG E 4 -10.45 16.80 -19.90
N THR E 5 -9.91 18.01 -19.88
CA THR E 5 -9.14 18.50 -21.02
C THR E 5 -7.78 17.79 -21.08
N PRO E 6 -7.34 17.39 -22.27
CA PRO E 6 -6.09 16.63 -22.36
C PRO E 6 -4.87 17.51 -22.10
N LYS E 7 -3.79 16.84 -21.69
CA LYS E 7 -2.46 17.43 -21.62
C LYS E 7 -1.64 16.92 -22.79
N ILE E 8 -0.74 17.76 -23.31
CA ILE E 8 0.02 17.46 -24.50
C ILE E 8 1.51 17.64 -24.23
N GLN E 9 2.30 16.68 -24.71
CA GLN E 9 3.77 16.74 -24.62
C GLN E 9 4.33 16.34 -25.97
N VAL E 10 4.98 17.28 -26.66
CA VAL E 10 5.59 17.03 -27.95
C VAL E 10 7.10 16.91 -27.76
N TYR E 11 7.67 15.79 -28.22
CA TYR E 11 9.05 15.48 -27.91
C TYR E 11 9.53 14.35 -28.80
N SER E 12 10.85 14.20 -28.88
CA SER E 12 11.50 13.17 -29.67
C SER E 12 11.83 11.96 -28.80
N ARG E 13 11.95 10.80 -29.46
CA ARG E 13 12.33 9.58 -28.75
C ARG E 13 13.74 9.68 -28.19
N HIS E 14 14.69 10.09 -29.04
CA HIS E 14 16.08 10.26 -28.67
C HIS E 14 16.47 11.73 -28.77
N PRO E 15 17.59 12.13 -28.16
CA PRO E 15 18.09 13.50 -28.36
C PRO E 15 18.22 13.83 -29.84
N ALA E 16 17.70 14.99 -30.21
CA ALA E 16 17.53 15.34 -31.62
C ALA E 16 18.84 15.88 -32.19
N GLU E 17 19.32 15.26 -33.26
CA GLU E 17 20.44 15.78 -34.01
C GLU E 17 20.09 15.70 -35.50
N ASN E 18 20.51 16.71 -36.25
CA ASN E 18 20.16 16.79 -37.66
C ASN E 18 20.77 15.63 -38.45
N GLY E 19 19.96 15.02 -39.30
CA GLY E 19 20.41 13.93 -40.13
C GLY E 19 20.27 12.56 -39.50
N LYS E 20 20.09 12.49 -38.19
CA LYS E 20 19.92 11.20 -37.51
C LYS E 20 18.45 10.85 -37.40
N SER E 21 18.10 9.64 -37.85
CA SER E 21 16.73 9.19 -37.84
C SER E 21 16.24 9.02 -36.41
N ASN E 22 15.06 9.55 -36.12
CA ASN E 22 14.50 9.54 -34.78
C ASN E 22 13.00 9.24 -34.89
N PHE E 23 12.29 9.39 -33.78
CA PHE E 23 10.84 9.30 -33.75
C PHE E 23 10.29 10.56 -33.10
N LEU E 24 9.18 11.07 -33.65
CA LEU E 24 8.53 12.25 -33.10
C LEU E 24 7.28 11.81 -32.35
N ASN E 25 7.28 12.01 -31.04
CA ASN E 25 6.19 11.60 -30.18
C ASN E 25 5.32 12.80 -29.81
N CYS E 26 4.03 12.51 -29.63
CA CYS E 26 3.08 13.47 -29.06
C CYS E 26 2.23 12.71 -28.04
N TYR E 27 2.57 12.87 -26.76
CA TYR E 27 1.91 12.14 -25.69
C TYR E 27 0.74 12.97 -25.17
N VAL E 28 -0.48 12.46 -25.35
CA VAL E 28 -1.68 13.08 -24.81
C VAL E 28 -2.18 12.22 -23.67
N SER E 29 -2.67 12.86 -22.61
CA SER E 29 -3.01 12.12 -21.40
C SER E 29 -3.99 12.94 -20.56
N GLY E 30 -4.62 12.26 -19.61
CA GLY E 30 -5.48 12.92 -18.65
C GLY E 30 -6.78 13.44 -19.20
N PHE E 31 -7.29 12.87 -20.29
CA PHE E 31 -8.51 13.35 -20.92
C PHE E 31 -9.62 12.32 -20.81
N HIS E 32 -10.86 12.81 -20.88
CA HIS E 32 -12.06 11.99 -20.87
C HIS E 32 -13.17 12.81 -21.51
N PRO E 33 -13.98 12.21 -22.40
CA PRO E 33 -14.01 10.79 -22.78
C PRO E 33 -12.94 10.37 -23.80
N SER E 34 -13.19 9.23 -24.46
CA SER E 34 -12.18 8.55 -25.25
C SER E 34 -11.97 9.17 -26.62
N ASP E 35 -13.02 9.75 -27.21
CA ASP E 35 -12.94 10.27 -28.57
C ASP E 35 -11.96 11.43 -28.64
N ILE E 36 -10.87 11.26 -29.38
CA ILE E 36 -9.86 12.29 -29.55
C ILE E 36 -9.23 12.12 -30.93
N GLU E 37 -8.78 13.24 -31.50
CA GLU E 37 -8.11 13.28 -32.80
C GLU E 37 -6.78 14.00 -32.64
N VAL E 38 -5.68 13.29 -32.91
CA VAL E 38 -4.33 13.82 -32.79
C VAL E 38 -3.64 13.70 -34.14
N ASP E 39 -2.99 14.78 -34.57
CA ASP E 39 -2.27 14.80 -35.84
C ASP E 39 -0.91 15.44 -35.65
N LEU E 40 0.13 14.79 -36.14
CA LEU E 40 1.45 15.39 -36.19
C LEU E 40 1.55 16.25 -37.43
N LEU E 41 2.17 17.43 -37.28
CA LEU E 41 2.27 18.40 -38.35
C LEU E 41 3.73 18.62 -38.72
N LYS E 42 4.02 18.59 -40.02
CA LYS E 42 5.33 18.94 -40.56
C LYS E 42 5.15 20.18 -41.41
N ASN E 43 5.62 21.32 -40.92
CA ASN E 43 5.42 22.61 -41.57
C ASN E 43 3.93 22.89 -41.80
N GLY E 44 3.14 22.64 -40.77
CA GLY E 44 1.72 22.90 -40.79
C GLY E 44 0.87 21.89 -41.52
N GLU E 45 1.47 21.00 -42.30
CA GLU E 45 0.73 20.00 -43.05
C GLU E 45 0.55 18.74 -42.21
N ARG E 46 -0.66 18.19 -42.23
CA ARG E 46 -0.94 16.96 -41.50
C ARG E 46 -0.13 15.82 -42.11
N ILE E 47 0.81 15.29 -41.33
CA ILE E 47 1.54 14.10 -41.75
C ILE E 47 0.64 12.90 -41.54
N GLU E 48 0.45 12.09 -42.59
CA GLU E 48 0.05 10.72 -42.28
C GLU E 48 1.35 9.99 -41.96
N LYS E 49 1.37 8.65 -42.06
CA LYS E 49 2.50 7.85 -41.60
C LYS E 49 2.62 7.90 -40.07
N VAL E 50 1.57 8.32 -39.36
CA VAL E 50 1.58 8.40 -37.91
C VAL E 50 0.89 7.19 -37.31
N GLU E 51 1.48 6.67 -36.23
CA GLU E 51 0.92 5.55 -35.49
C GLU E 51 0.52 6.01 -34.09
N HIS E 52 -0.28 5.19 -33.42
CA HIS E 52 -0.73 5.51 -32.09
C HIS E 52 -0.82 4.24 -31.25
N SER E 53 -0.42 4.33 -30.00
CA SER E 53 -0.51 3.21 -29.08
C SER E 53 -1.97 2.83 -28.83
N ASP E 54 -2.17 1.64 -28.30
CA ASP E 54 -3.52 1.19 -27.97
C ASP E 54 -4.03 1.93 -26.74
N LEU E 55 -5.30 2.32 -26.78
CA LEU E 55 -5.85 3.19 -25.75
C LEU E 55 -5.82 2.52 -24.38
N SER E 56 -5.26 3.22 -23.41
CA SER E 56 -5.23 2.80 -22.03
C SER E 56 -5.68 3.96 -21.14
N PHE E 57 -5.74 3.72 -19.84
CA PHE E 57 -6.17 4.76 -18.92
C PHE E 57 -5.45 4.57 -17.59
N SER E 58 -5.29 5.67 -16.87
CA SER E 58 -4.61 5.65 -15.58
C SER E 58 -5.63 5.53 -14.45
N LYS E 59 -5.14 5.70 -13.22
CA LYS E 59 -5.86 5.29 -12.03
C LYS E 59 -7.04 6.19 -11.70
N ASP E 60 -7.04 7.43 -12.21
CA ASP E 60 -8.20 8.30 -12.14
C ASP E 60 -9.12 8.12 -13.34
N TRP E 61 -8.98 7.01 -14.07
CA TRP E 61 -9.75 6.62 -15.24
C TRP E 61 -9.54 7.53 -16.44
N SER E 62 -8.68 8.54 -16.33
CA SER E 62 -8.37 9.39 -17.48
C SER E 62 -7.47 8.64 -18.46
N PHE E 63 -7.68 8.91 -19.75
CA PHE E 63 -7.02 8.17 -20.81
C PHE E 63 -5.69 8.81 -21.21
N TYR E 64 -4.85 8.02 -21.86
CA TYR E 64 -3.59 8.51 -22.42
C TYR E 64 -3.28 7.75 -23.71
N LEU E 65 -2.66 8.46 -24.65
CA LEU E 65 -2.33 7.91 -25.95
C LEU E 65 -1.01 8.50 -26.43
N LEU E 66 -0.18 7.66 -27.03
CA LEU E 66 1.08 8.09 -27.63
C LEU E 66 0.93 8.07 -29.15
N TYR E 67 1.06 9.25 -29.77
CA TYR E 67 1.05 9.38 -31.22
C TYR E 67 2.47 9.65 -31.69
N TYR E 68 2.96 8.83 -32.63
CA TYR E 68 4.35 8.89 -33.03
C TYR E 68 4.49 8.58 -34.50
N THR E 69 5.61 9.01 -35.07
CA THR E 69 5.96 8.72 -36.46
C THR E 69 7.47 8.69 -36.59
N GLU E 70 7.93 8.00 -37.63
CA GLU E 70 9.34 8.01 -37.98
C GLU E 70 9.67 9.31 -38.70
N PHE E 71 10.79 9.93 -38.30
CA PHE E 71 11.18 11.21 -38.89
C PHE E 71 12.66 11.42 -38.65
N THR E 72 13.24 12.32 -39.45
CA THR E 72 14.64 12.70 -39.32
C THR E 72 14.70 14.22 -39.26
N PRO E 73 15.07 14.81 -38.12
CA PRO E 73 14.94 16.26 -37.97
C PRO E 73 15.98 17.02 -38.79
N THR E 74 15.58 18.24 -39.17
CA THR E 74 16.47 19.22 -39.74
C THR E 74 16.47 20.46 -38.84
N GLU E 75 17.08 21.54 -39.31
CA GLU E 75 17.12 22.77 -38.53
C GLU E 75 16.01 23.74 -38.89
N LYS E 76 15.37 23.58 -40.05
CA LYS E 76 14.32 24.47 -40.48
C LYS E 76 12.92 23.85 -40.45
N ASP E 77 12.82 22.52 -40.57
CA ASP E 77 11.52 21.85 -40.61
C ASP E 77 10.84 21.98 -39.26
N GLU E 78 9.71 22.69 -39.23
CA GLU E 78 8.93 22.87 -38.01
C GLU E 78 7.98 21.69 -37.84
N TYR E 79 7.95 21.14 -36.63
CA TYR E 79 7.03 20.06 -36.30
C TYR E 79 6.13 20.49 -35.15
N ALA E 80 4.93 19.91 -35.11
CA ALA E 80 3.94 20.28 -34.10
C ALA E 80 2.96 19.13 -33.94
N CYS E 81 2.03 19.29 -32.99
CA CYS E 81 1.01 18.30 -32.71
C CYS E 81 -0.33 18.99 -32.57
N ARG E 82 -1.30 18.60 -33.39
CA ARG E 82 -2.63 19.16 -33.38
C ARG E 82 -3.59 18.20 -32.68
N VAL E 83 -4.29 18.69 -31.66
CA VAL E 83 -5.18 17.87 -30.85
C VAL E 83 -6.51 18.60 -30.71
N ASN E 84 -7.59 17.94 -31.10
CA ASN E 84 -8.95 18.44 -30.90
C ASN E 84 -9.72 17.47 -30.02
N HIS E 85 -10.34 18.00 -28.97
CA HIS E 85 -11.12 17.21 -28.03
C HIS E 85 -12.41 17.95 -27.72
N VAL E 86 -13.41 17.21 -27.25
CA VAL E 86 -14.71 17.79 -26.94
C VAL E 86 -14.60 18.92 -25.93
N THR E 87 -13.56 18.91 -25.11
CA THR E 87 -13.37 19.90 -24.05
C THR E 87 -12.65 21.15 -24.51
N LEU E 88 -12.21 21.21 -25.76
CA LEU E 88 -11.45 22.34 -26.28
C LEU E 88 -12.33 23.17 -27.20
N SER E 89 -12.26 24.50 -27.03
CA SER E 89 -13.04 25.39 -27.89
C SER E 89 -12.59 25.32 -29.34
N GLN E 90 -11.33 25.00 -29.58
CA GLN E 90 -10.80 24.78 -30.92
C GLN E 90 -9.55 23.91 -30.80
N PRO E 91 -9.16 23.24 -31.89
CA PRO E 91 -7.96 22.41 -31.84
C PRO E 91 -6.74 23.19 -31.36
N LYS E 92 -6.00 22.59 -30.42
CA LYS E 92 -4.81 23.20 -29.84
C LYS E 92 -3.57 22.62 -30.52
N ILE E 93 -2.67 23.50 -30.94
CA ILE E 93 -1.43 23.10 -31.60
C ILE E 93 -0.28 23.32 -30.64
N VAL E 94 0.56 22.30 -30.48
CA VAL E 94 1.74 22.35 -29.63
C VAL E 94 2.95 22.05 -30.50
N LYS E 95 3.85 23.02 -30.62
CA LYS E 95 5.01 22.88 -31.49
C LYS E 95 6.18 22.26 -30.74
N TRP E 96 6.96 21.45 -31.45
CA TRP E 96 8.08 20.71 -30.88
C TRP E 96 9.16 21.69 -30.43
N ASP E 97 9.28 21.88 -29.12
CA ASP E 97 10.26 22.80 -28.55
C ASP E 97 11.61 22.11 -28.34
N VAL F 1 -3.05 -14.28 -18.89
CA VAL F 1 -4.32 -14.47 -19.56
C VAL F 1 -5.43 -13.70 -18.85
N VAL F 2 -6.42 -13.25 -19.63
CA VAL F 2 -7.52 -12.46 -19.11
C VAL F 2 -8.39 -13.31 -18.20
N VAL F 3 -9.35 -12.68 -17.53
CA VAL F 3 -10.23 -13.41 -16.61
C VAL F 3 -11.11 -14.36 -17.41
N GLY F 4 -11.16 -15.62 -16.98
CA GLY F 4 -11.99 -16.61 -17.65
C GLY F 4 -13.32 -16.78 -16.93
N ALA F 5 -13.38 -16.34 -15.69
CA ALA F 5 -14.62 -16.40 -14.92
C ALA F 5 -15.65 -15.48 -15.55
N CYS F 6 -16.79 -16.04 -15.97
CA CYS F 6 -17.79 -15.26 -16.69
C CYS F 6 -18.34 -14.15 -15.82
N GLY F 7 -18.47 -12.97 -16.42
CA GLY F 7 -18.97 -11.82 -15.70
C GLY F 7 -20.46 -11.92 -15.44
N VAL F 8 -20.87 -11.36 -14.31
CA VAL F 8 -22.27 -11.23 -13.96
C VAL F 8 -22.75 -9.86 -14.41
N GLY F 9 -23.90 -9.83 -15.06
CA GLY F 9 -24.42 -8.57 -15.58
C GLY F 9 -24.60 -7.54 -14.48
N LYS F 10 -24.39 -6.28 -14.85
CA LYS F 10 -24.50 -5.17 -13.90
C LYS F 10 -25.94 -4.71 -13.78
#